data_7COJ
#
_entry.id   7COJ
#
_cell.length_a   66.921
_cell.length_b   87.953
_cell.length_c   144.717
_cell.angle_alpha   90.000
_cell.angle_beta   90.000
_cell.angle_gamma   90.000
#
_symmetry.space_group_name_H-M   'P 2 21 21'
#
loop_
_entity.id
_entity.type
_entity.pdbx_description
1 polymer 'Carbonic anhydrase'
2 non-polymer 'ZINC ION'
3 non-polymer 5-ACETAMIDO-1,3,4-THIADIAZOLE-2-SULFONAMIDE
4 water water
#
_entity_poly.entity_id   1
_entity_poly.type   'polypeptide(L)'
_entity_poly.pdbx_seq_one_letter_code
;MNIMRLLPRSKALSSPTAVAPAFRGRGAGVYSPSSQTVYMCPTSAVSLMHCSPCSTSAPLRSSQKSVAQTSANNDSLSDK
FSAALAKNKEWAAKCSQEHPELLPTLAVGQHPEILWIGCSDSRCPETTILGLLPGDVFTHRNIANVIHPADLSSGAVIEF
AVRHLRVKHVVICGHTKCGGVAAALGNKGLGILDPWLIPLRQLREQHLAELQSLSRDEAVVRLAELNVKEGLKALTQKSV
VLEAMQERGLQVHGLIYDVGSGFLRQLDAAEPEEALKARLTSFKTDA
;
_entity_poly.pdbx_strand_id   A,B,C,D
#
# COMPACT_ATOMS: atom_id res chain seq x y z
N SER A 76 36.81 10.49 -5.11
CA SER A 76 37.99 11.11 -4.39
C SER A 76 38.44 10.15 -3.28
N LEU A 77 39.03 10.66 -2.20
CA LEU A 77 39.14 10.00 -0.86
C LEU A 77 38.02 10.54 0.05
N SER A 78 37.21 11.48 -0.45
CA SER A 78 36.32 12.36 0.38
C SER A 78 35.03 11.62 0.71
N ASP A 79 34.65 11.62 1.98
CA ASP A 79 33.35 11.13 2.47
C ASP A 79 32.30 12.13 1.96
N LYS A 80 31.41 11.72 1.07
CA LYS A 80 30.41 12.60 0.42
C LYS A 80 29.38 13.09 1.44
N PHE A 81 29.13 12.33 2.50
CA PHE A 81 28.16 12.72 3.56
C PHE A 81 28.77 13.89 4.36
N SER A 82 29.99 13.72 4.92
CA SER A 82 30.63 14.81 5.69
C SER A 82 30.88 16.00 4.76
N ALA A 83 31.21 15.79 3.48
CA ALA A 83 31.41 16.89 2.52
C ALA A 83 30.09 17.66 2.32
N ALA A 84 28.97 16.94 2.28
CA ALA A 84 27.63 17.55 2.07
C ALA A 84 27.24 18.40 3.28
N LEU A 85 27.51 17.94 4.50
CA LEU A 85 27.23 18.75 5.72
C LEU A 85 28.08 20.03 5.68
N ALA A 86 29.35 19.96 5.30
CA ALA A 86 30.23 21.16 5.19
C ALA A 86 29.66 22.14 4.15
N LYS A 87 29.19 21.64 3.01
CA LYS A 87 28.62 22.49 1.95
C LYS A 87 27.28 23.08 2.42
N ASN A 88 26.54 22.35 3.22
CA ASN A 88 25.27 22.87 3.80
C ASN A 88 25.62 24.10 4.65
N LYS A 89 26.63 24.00 5.50
CA LYS A 89 27.00 25.14 6.39
C LYS A 89 27.43 26.34 5.54
N GLU A 90 28.15 26.12 4.46
CA GLU A 90 28.56 27.17 3.51
C GLU A 90 27.31 27.80 2.86
N TRP A 91 26.32 26.98 2.48
CA TRP A 91 25.07 27.49 1.88
C TRP A 91 24.28 28.32 2.92
N ALA A 92 24.16 27.83 4.16
CA ALA A 92 23.50 28.59 5.26
C ALA A 92 24.21 29.93 5.49
N ALA A 93 25.54 29.96 5.43
CA ALA A 93 26.34 31.20 5.60
C ALA A 93 26.03 32.15 4.47
N LYS A 94 26.01 31.68 3.23
CA LYS A 94 25.67 32.51 2.05
C LYS A 94 24.25 33.10 2.24
N CYS A 95 23.27 32.30 2.66
CA CYS A 95 21.87 32.77 2.86
C CYS A 95 21.86 33.90 3.89
N SER A 96 22.61 33.74 4.98
CA SER A 96 22.63 34.72 6.09
C SER A 96 23.22 36.04 5.57
N GLN A 97 24.21 35.96 4.69
CA GLN A 97 24.99 37.12 4.20
C GLN A 97 24.18 37.84 3.12
N GLU A 98 23.56 37.10 2.19
CA GLU A 98 23.01 37.68 0.94
C GLU A 98 21.52 37.90 1.03
N HIS A 99 20.75 37.07 1.76
CA HIS A 99 19.28 37.20 1.87
C HIS A 99 18.85 36.83 3.28
N PRO A 100 19.26 37.62 4.30
CA PRO A 100 19.07 37.23 5.69
C PRO A 100 17.61 37.08 6.11
N GLU A 101 16.69 37.68 5.37
CA GLU A 101 15.23 37.65 5.65
C GLU A 101 14.62 36.32 5.15
N LEU A 102 15.21 35.62 4.16
CA LEU A 102 14.50 34.58 3.38
C LEU A 102 14.13 33.40 4.31
N LEU A 103 15.12 32.77 4.92
CA LEU A 103 14.91 31.52 5.69
C LEU A 103 14.02 31.81 6.89
N PRO A 104 14.26 32.86 7.70
CA PRO A 104 13.35 33.18 8.80
C PRO A 104 11.91 33.47 8.36
N THR A 105 11.67 34.12 7.23
CA THR A 105 10.28 34.36 6.75
C THR A 105 9.66 33.02 6.33
N LEU A 106 10.42 32.12 5.68
CA LEU A 106 9.91 30.78 5.29
C LEU A 106 9.54 29.97 6.53
N ALA A 107 10.30 30.08 7.63
CA ALA A 107 10.06 29.33 8.87
C ALA A 107 8.66 29.68 9.42
N VAL A 108 8.14 30.85 9.09
CA VAL A 108 6.79 31.26 9.58
C VAL A 108 5.73 30.43 8.85
N GLY A 109 5.94 30.03 7.60
CA GLY A 109 5.01 29.10 6.93
C GLY A 109 5.29 29.03 5.45
N GLN A 110 5.06 27.89 4.82
CA GLN A 110 5.34 27.75 3.37
C GLN A 110 4.09 28.19 2.59
N HIS A 111 4.27 28.69 1.39
CA HIS A 111 3.17 29.08 0.47
C HIS A 111 3.57 28.78 -0.96
N PRO A 112 3.99 27.53 -1.29
CA PRO A 112 4.37 27.21 -2.65
C PRO A 112 3.13 27.23 -3.55
N GLU A 113 3.30 27.60 -4.80
CA GLU A 113 2.21 27.64 -5.80
C GLU A 113 2.27 26.41 -6.72
N ILE A 114 3.31 25.57 -6.56
CA ILE A 114 3.58 24.43 -7.48
C ILE A 114 3.74 23.15 -6.64
N LEU A 115 3.02 22.09 -7.02
CA LEU A 115 3.31 20.70 -6.61
C LEU A 115 4.03 20.05 -7.79
N TRP A 116 5.21 19.53 -7.50
CA TRP A 116 6.05 18.79 -8.48
C TRP A 116 6.02 17.31 -8.09
N ILE A 117 5.60 16.47 -9.02
CA ILE A 117 5.73 15.00 -8.93
C ILE A 117 6.72 14.60 -10.02
N GLY A 118 7.89 14.12 -9.62
CA GLY A 118 8.95 13.76 -10.57
C GLY A 118 9.64 12.47 -10.18
N CYS A 119 10.68 12.14 -10.94
CA CYS A 119 11.48 10.94 -10.71
C CYS A 119 12.48 11.21 -9.59
N SER A 120 12.79 10.18 -8.82
CA SER A 120 13.86 10.15 -7.79
C SER A 120 15.23 10.32 -8.44
N ASP A 121 15.34 10.06 -9.75
CA ASP A 121 16.62 10.13 -10.49
C ASP A 121 17.40 11.36 -10.01
N SER A 122 18.67 11.15 -9.64
CA SER A 122 19.56 12.17 -9.04
C SER A 122 19.74 13.34 -10.01
N ARG A 123 19.53 13.13 -11.30
CA ARG A 123 19.71 14.19 -12.31
C ARG A 123 18.50 15.13 -12.40
N CYS A 124 17.39 14.92 -11.66
CA CYS A 124 16.15 15.76 -11.75
CA CYS A 124 16.17 15.78 -11.76
C CYS A 124 15.79 16.44 -10.44
N PRO A 125 16.70 17.24 -9.80
CA PRO A 125 16.32 18.05 -8.65
C PRO A 125 15.49 19.30 -9.01
N GLU A 126 14.21 19.28 -8.68
CA GLU A 126 13.18 20.23 -9.20
C GLU A 126 13.59 21.68 -8.93
N THR A 127 14.03 22.00 -7.72
CA THR A 127 14.22 23.42 -7.32
C THR A 127 15.45 23.98 -8.07
N THR A 128 16.48 23.15 -8.23
CA THR A 128 17.69 23.49 -9.01
C THR A 128 17.31 23.71 -10.48
N ILE A 129 16.62 22.76 -11.12
CA ILE A 129 16.47 22.80 -12.61
C ILE A 129 15.43 23.88 -12.98
N LEU A 130 14.58 24.27 -12.04
CA LEU A 130 13.57 25.35 -12.25
C LEU A 130 14.16 26.72 -11.91
N GLY A 131 15.40 26.79 -11.42
CA GLY A 131 16.03 28.04 -11.01
C GLY A 131 15.25 28.71 -9.89
N LEU A 132 14.71 27.95 -8.93
CA LEU A 132 13.80 28.48 -7.88
C LEU A 132 14.50 28.41 -6.54
N LEU A 133 13.78 28.79 -5.48
CA LEU A 133 14.28 28.85 -4.11
C LEU A 133 13.52 27.87 -3.22
N PRO A 134 14.06 27.55 -2.04
CA PRO A 134 13.27 26.90 -0.99
C PRO A 134 11.96 27.66 -0.81
N GLY A 135 10.86 26.93 -0.64
CA GLY A 135 9.51 27.48 -0.45
C GLY A 135 8.71 27.58 -1.74
N ASP A 136 9.33 27.30 -2.89
CA ASP A 136 8.66 27.53 -4.19
C ASP A 136 7.94 26.26 -4.68
N VAL A 137 8.46 25.07 -4.36
CA VAL A 137 7.98 23.82 -5.01
C VAL A 137 7.75 22.75 -3.95
N PHE A 138 6.48 22.41 -3.74
CA PHE A 138 6.11 21.24 -2.92
C PHE A 138 6.41 19.99 -3.75
N THR A 139 7.17 19.05 -3.20
CA THR A 139 7.85 18.01 -4.03
C THR A 139 7.56 16.58 -3.58
N HIS A 140 7.19 15.75 -4.53
CA HIS A 140 7.15 14.27 -4.40
C HIS A 140 7.98 13.66 -5.54
N ARG A 141 8.94 12.83 -5.18
CA ARG A 141 9.79 12.13 -6.16
C ARG A 141 9.76 10.63 -5.81
N ASN A 142 9.57 9.79 -6.84
CA ASN A 142 9.48 8.32 -6.69
C ASN A 142 10.11 7.72 -7.94
N ILE A 143 10.25 6.40 -7.99
CA ILE A 143 10.85 5.74 -9.18
C ILE A 143 9.92 5.97 -10.37
N ALA A 144 10.42 6.65 -11.40
CA ALA A 144 9.75 6.85 -12.70
C ALA A 144 8.47 7.68 -12.55
N ASN A 145 8.37 8.52 -11.53
CA ASN A 145 7.25 9.49 -11.39
C ASN A 145 5.94 8.78 -11.69
N VAL A 146 5.72 7.61 -11.08
CA VAL A 146 4.51 6.77 -11.30
C VAL A 146 3.44 7.16 -10.30
N ILE A 147 2.23 7.39 -10.77
CA ILE A 147 1.06 7.60 -9.88
C ILE A 147 0.21 6.33 -9.90
N HIS A 148 0.34 5.50 -8.86
CA HIS A 148 -0.55 4.35 -8.59
C HIS A 148 -1.80 4.98 -7.98
N PRO A 149 -2.98 4.71 -8.53
CA PRO A 149 -4.18 5.40 -8.04
C PRO A 149 -4.41 5.28 -6.53
N ALA A 150 -4.12 4.13 -5.92
CA ALA A 150 -4.42 3.92 -4.49
C ALA A 150 -3.16 3.96 -3.62
N ASP A 151 -2.07 4.55 -4.11
CA ASP A 151 -0.81 4.77 -3.37
C ASP A 151 -1.04 5.86 -2.32
N LEU A 152 -0.82 5.60 -1.03
CA LEU A 152 -1.03 6.61 0.03
C LEU A 152 0.10 7.64 0.01
N SER A 153 1.30 7.28 -0.43
CA SER A 153 2.46 8.19 -0.45
C SER A 153 2.16 9.38 -1.38
N SER A 154 1.85 9.11 -2.65
CA SER A 154 1.49 10.19 -3.60
C SER A 154 0.11 10.76 -3.23
N GLY A 155 -0.81 9.92 -2.76
CA GLY A 155 -2.16 10.32 -2.36
C GLY A 155 -2.12 11.40 -1.30
N ALA A 156 -1.33 11.19 -0.26
CA ALA A 156 -1.23 12.13 0.88
C ALA A 156 -0.61 13.43 0.37
N VAL A 157 0.42 13.37 -0.49
CA VAL A 157 1.02 14.65 -0.91
C VAL A 157 0.03 15.44 -1.77
N ILE A 158 -0.72 14.78 -2.64
CA ILE A 158 -1.70 15.47 -3.52
C ILE A 158 -2.81 16.07 -2.65
N GLU A 159 -3.35 15.32 -1.71
CA GLU A 159 -4.43 15.82 -0.79
C GLU A 159 -3.91 17.07 -0.09
N PHE A 160 -2.72 17.00 0.52
CA PHE A 160 -2.15 18.14 1.28
C PHE A 160 -1.88 19.33 0.38
N ALA A 161 -1.20 19.12 -0.74
CA ALA A 161 -0.79 20.24 -1.62
C ALA A 161 -2.05 20.90 -2.21
N VAL A 162 -3.03 20.11 -2.63
CA VAL A 162 -4.21 20.67 -3.36
C VAL A 162 -5.21 21.25 -2.35
N ARG A 163 -5.58 20.50 -1.31
CA ARG A 163 -6.65 20.97 -0.39
C ARG A 163 -6.07 21.97 0.63
N HIS A 164 -4.89 21.73 1.21
CA HIS A 164 -4.37 22.55 2.33
C HIS A 164 -3.50 23.71 1.81
N LEU A 165 -2.50 23.45 1.00
CA LEU A 165 -1.59 24.52 0.55
C LEU A 165 -2.26 25.29 -0.59
N ARG A 166 -3.26 24.70 -1.24
CA ARG A 166 -3.98 25.32 -2.39
C ARG A 166 -2.99 25.74 -3.49
N VAL A 167 -2.11 24.83 -3.89
CA VAL A 167 -1.20 25.12 -5.03
C VAL A 167 -2.05 25.46 -6.26
N LYS A 168 -1.52 26.28 -7.15
CA LYS A 168 -2.17 26.69 -8.41
C LYS A 168 -1.81 25.73 -9.53
N HIS A 169 -0.71 24.97 -9.37
CA HIS A 169 -0.19 24.12 -10.46
C HIS A 169 0.25 22.76 -9.91
N VAL A 170 -0.13 21.69 -10.61
CA VAL A 170 0.44 20.34 -10.36
C VAL A 170 1.21 19.97 -11.62
N VAL A 171 2.48 19.67 -11.46
CA VAL A 171 3.36 19.31 -12.59
C VAL A 171 3.75 17.85 -12.41
N ILE A 172 3.53 17.04 -13.45
CA ILE A 172 4.12 15.68 -13.47
C ILE A 172 5.26 15.77 -14.47
N CYS A 173 6.47 15.51 -14.00
CA CYS A 173 7.69 15.61 -14.82
C CYS A 173 8.35 14.23 -14.98
N GLY A 174 8.32 13.67 -16.18
CA GLY A 174 9.15 12.52 -16.57
C GLY A 174 10.49 13.00 -17.09
N HIS A 175 11.38 12.09 -17.50
CA HIS A 175 12.69 12.55 -17.98
C HIS A 175 13.22 11.56 -19.03
N THR A 176 14.14 12.02 -19.86
CA THR A 176 14.85 11.19 -20.86
C THR A 176 15.81 10.31 -20.07
N LYS A 177 16.10 9.13 -20.59
CA LYS A 177 17.04 8.15 -19.98
C LYS A 177 16.51 7.73 -18.59
N CYS A 178 15.20 7.65 -18.41
CA CYS A 178 14.58 7.12 -17.17
C CYS A 178 14.75 5.60 -17.18
N GLY A 179 15.63 5.09 -16.31
CA GLY A 179 15.88 3.65 -16.24
C GLY A 179 14.69 2.89 -15.65
N GLY A 180 13.83 3.56 -14.86
CA GLY A 180 12.56 2.96 -14.43
C GLY A 180 11.67 2.61 -15.62
N VAL A 181 11.47 3.57 -16.51
CA VAL A 181 10.71 3.36 -17.78
C VAL A 181 11.40 2.25 -18.59
N ALA A 182 12.73 2.31 -18.75
CA ALA A 182 13.51 1.31 -19.51
C ALA A 182 13.33 -0.08 -18.88
N ALA A 183 13.35 -0.20 -17.54
CA ALA A 183 13.17 -1.50 -16.85
C ALA A 183 11.80 -2.08 -17.20
N ALA A 184 10.75 -1.27 -17.32
CA ALA A 184 9.39 -1.73 -17.63
C ALA A 184 9.31 -2.29 -19.06
N LEU A 185 10.20 -1.83 -19.93
CA LEU A 185 10.29 -2.35 -21.33
C LEU A 185 11.11 -3.66 -21.39
N GLY A 186 11.77 -4.03 -20.29
CA GLY A 186 12.49 -5.31 -20.11
C GLY A 186 11.64 -6.32 -19.37
N ASN A 187 12.15 -7.53 -19.20
CA ASN A 187 11.41 -8.65 -18.56
C ASN A 187 12.36 -9.36 -17.60
N LYS A 188 13.28 -8.63 -17.02
CA LYS A 188 14.13 -9.10 -15.90
C LYS A 188 13.31 -8.92 -14.61
N GLY A 189 13.27 -9.94 -13.76
CA GLY A 189 12.64 -9.89 -12.43
C GLY A 189 13.44 -8.96 -11.53
N LEU A 190 12.78 -8.00 -10.88
CA LEU A 190 13.53 -6.92 -10.15
C LEU A 190 13.08 -6.85 -8.69
N GLY A 191 12.47 -7.93 -8.20
CA GLY A 191 12.04 -8.04 -6.80
C GLY A 191 10.94 -7.04 -6.52
N ILE A 192 11.08 -6.25 -5.45
CA ILE A 192 10.05 -5.28 -5.00
C ILE A 192 9.82 -4.19 -6.05
N LEU A 193 10.75 -3.97 -6.97
CA LEU A 193 10.53 -2.99 -8.09
C LEU A 193 9.42 -3.48 -9.04
N ASP A 194 9.17 -4.79 -9.15
CA ASP A 194 8.19 -5.33 -10.15
C ASP A 194 6.79 -4.78 -9.85
N PRO A 195 6.22 -4.92 -8.65
CA PRO A 195 4.89 -4.36 -8.40
C PRO A 195 4.87 -2.84 -8.57
N TRP A 196 5.96 -2.15 -8.21
CA TRP A 196 6.04 -0.68 -8.34
C TRP A 196 5.90 -0.28 -9.83
N LEU A 197 6.49 -1.03 -10.75
CA LEU A 197 6.54 -0.64 -12.18
C LEU A 197 5.29 -1.15 -12.94
N ILE A 198 4.37 -1.84 -12.28
CA ILE A 198 3.18 -2.42 -12.98
C ILE A 198 2.47 -1.38 -13.84
N PRO A 199 2.22 -0.13 -13.40
CA PRO A 199 1.50 0.82 -14.27
C PRO A 199 2.23 1.09 -15.59
N LEU A 200 3.56 1.03 -15.61
CA LEU A 200 4.37 1.19 -16.84
C LEU A 200 4.18 -0.04 -17.73
N ARG A 201 4.11 -1.23 -17.15
CA ARG A 201 3.87 -2.47 -17.92
C ARG A 201 2.42 -2.50 -18.42
N GLN A 202 1.47 -1.90 -17.70
CA GLN A 202 0.07 -1.77 -18.19
C GLN A 202 0.07 -0.93 -19.48
N LEU A 203 0.80 0.18 -19.48
CA LEU A 203 0.95 1.08 -20.67
C LEU A 203 1.67 0.34 -21.78
N ARG A 204 2.72 -0.38 -21.45
CA ARG A 204 3.45 -1.22 -22.44
C ARG A 204 2.48 -2.20 -23.13
N GLU A 205 1.65 -2.93 -22.38
CA GLU A 205 0.66 -3.89 -22.95
C GLU A 205 -0.32 -3.12 -23.85
N GLN A 206 -0.88 -2.01 -23.39
CA GLN A 206 -1.90 -1.24 -24.14
C GLN A 206 -1.29 -0.70 -25.43
N HIS A 207 -0.02 -0.29 -25.43
CA HIS A 207 0.61 0.45 -26.54
C HIS A 207 1.68 -0.42 -27.19
N LEU A 208 1.61 -1.75 -27.06
CA LEU A 208 2.71 -2.66 -27.42
C LEU A 208 3.03 -2.53 -28.92
N ALA A 209 2.01 -2.51 -29.77
CA ALA A 209 2.17 -2.42 -31.24
C ALA A 209 2.93 -1.12 -31.56
N GLU A 210 2.49 0.02 -31.01
CA GLU A 210 3.17 1.33 -31.22
C GLU A 210 4.63 1.25 -30.74
N LEU A 211 4.87 0.72 -29.52
CA LEU A 211 6.24 0.70 -28.94
C LEU A 211 7.14 -0.21 -29.77
N GLN A 212 6.64 -1.36 -30.23
CA GLN A 212 7.43 -2.32 -31.04
C GLN A 212 7.76 -1.72 -32.42
N SER A 213 6.99 -0.75 -32.91
CA SER A 213 7.21 -0.09 -34.22
C SER A 213 8.31 1.00 -34.12
N LEU A 214 8.83 1.28 -32.92
CA LEU A 214 9.86 2.34 -32.68
C LEU A 214 11.20 1.66 -32.44
N SER A 215 12.29 2.44 -32.48
CA SER A 215 13.61 1.98 -31.99
C SER A 215 13.53 1.82 -30.48
N ARG A 216 14.50 1.12 -29.90
CA ARG A 216 14.52 0.90 -28.43
C ARG A 216 14.56 2.26 -27.73
N ASP A 217 15.43 3.18 -28.15
CA ASP A 217 15.63 4.47 -27.44
C ASP A 217 14.36 5.33 -27.59
N GLU A 218 13.73 5.31 -28.76
CA GLU A 218 12.46 6.04 -29.01
C GLU A 218 11.32 5.45 -28.17
N ALA A 219 11.28 4.13 -27.95
CA ALA A 219 10.24 3.47 -27.14
C ALA A 219 10.37 3.92 -25.68
N VAL A 220 11.59 4.10 -25.19
CA VAL A 220 11.82 4.59 -23.81
C VAL A 220 11.24 6.02 -23.70
N VAL A 221 11.51 6.88 -24.67
CA VAL A 221 11.02 8.28 -24.62
C VAL A 221 9.49 8.24 -24.70
N ARG A 222 8.94 7.46 -25.62
CA ARG A 222 7.49 7.37 -25.83
C ARG A 222 6.82 6.85 -24.57
N LEU A 223 7.30 5.75 -23.98
CA LEU A 223 6.68 5.20 -22.74
C LEU A 223 6.79 6.26 -21.61
N ALA A 224 7.87 7.03 -21.55
CA ALA A 224 8.05 8.09 -20.53
C ALA A 224 6.95 9.16 -20.71
N GLU A 225 6.62 9.48 -21.96
CA GLU A 225 5.54 10.45 -22.27
C GLU A 225 4.18 9.88 -21.90
N LEU A 226 3.90 8.64 -22.31
CA LEU A 226 2.62 7.95 -22.01
C LEU A 226 2.43 7.87 -20.49
N ASN A 227 3.52 7.64 -19.76
CA ASN A 227 3.50 7.55 -18.28
C ASN A 227 3.12 8.91 -17.68
N VAL A 228 3.69 10.01 -18.16
CA VAL A 228 3.30 11.37 -17.67
C VAL A 228 1.80 11.57 -17.96
N LYS A 229 1.35 11.25 -19.17
CA LYS A 229 -0.07 11.47 -19.55
C LYS A 229 -0.96 10.59 -18.70
N GLU A 230 -0.57 9.33 -18.44
CA GLU A 230 -1.37 8.43 -17.61
C GLU A 230 -1.38 8.97 -16.18
N GLY A 231 -0.27 9.53 -15.71
CA GLY A 231 -0.20 10.13 -14.39
C GLY A 231 -1.18 11.30 -14.27
N LEU A 232 -1.29 12.13 -15.30
CA LEU A 232 -2.22 13.29 -15.28
C LEU A 232 -3.66 12.78 -15.23
N LYS A 233 -3.95 11.67 -15.90
CA LYS A 233 -5.27 10.98 -15.80
C LYS A 233 -5.49 10.48 -14.37
N ALA A 234 -4.55 9.74 -13.78
CA ALA A 234 -4.69 9.27 -12.39
C ALA A 234 -4.89 10.45 -11.45
N LEU A 235 -4.19 11.56 -11.67
CA LEU A 235 -4.26 12.78 -10.83
C LEU A 235 -5.68 13.37 -10.91
N THR A 236 -6.27 13.42 -12.10
CA THR A 236 -7.61 14.04 -12.32
C THR A 236 -8.70 13.04 -11.96
N GLN A 237 -8.37 11.79 -11.64
CA GLN A 237 -9.36 10.83 -11.08
C GLN A 237 -9.54 11.09 -9.59
N LYS A 238 -8.89 12.09 -9.01
CA LYS A 238 -8.99 12.29 -7.54
C LYS A 238 -9.96 13.45 -7.33
N SER A 239 -10.99 13.26 -6.51
CA SER A 239 -12.04 14.29 -6.26
C SER A 239 -11.38 15.62 -5.86
N VAL A 240 -10.36 15.58 -5.00
CA VAL A 240 -9.67 16.80 -4.47
C VAL A 240 -9.15 17.64 -5.65
N VAL A 241 -8.64 16.99 -6.68
CA VAL A 241 -8.06 17.68 -7.86
C VAL A 241 -9.21 18.20 -8.73
N LEU A 242 -10.22 17.36 -8.99
CA LEU A 242 -11.39 17.79 -9.83
C LEU A 242 -12.06 19.01 -9.16
N GLU A 243 -12.23 18.96 -7.84
CA GLU A 243 -12.82 20.08 -7.06
C GLU A 243 -11.99 21.36 -7.26
N ALA A 244 -10.67 21.29 -7.13
CA ALA A 244 -9.76 22.46 -7.24
C ALA A 244 -9.75 23.00 -8.68
N MET A 245 -9.85 22.12 -9.67
CA MET A 245 -9.90 22.55 -11.09
C MET A 245 -11.21 23.36 -11.30
N GLN A 246 -12.34 22.90 -10.77
CA GLN A 246 -13.66 23.59 -10.85
C GLN A 246 -13.67 24.89 -10.01
N GLU A 247 -13.19 24.83 -8.77
CA GLU A 247 -13.28 25.93 -7.78
C GLU A 247 -12.28 27.07 -8.07
N ARG A 248 -11.05 26.80 -8.53
CA ARG A 248 -10.03 27.86 -8.65
C ARG A 248 -9.19 27.73 -9.91
N GLY A 249 -9.57 26.91 -10.88
CA GLY A 249 -8.82 26.69 -12.12
C GLY A 249 -7.41 26.14 -11.82
N LEU A 250 -7.25 25.28 -10.82
CA LEU A 250 -5.98 24.52 -10.65
C LEU A 250 -5.63 23.97 -12.03
N GLN A 251 -4.36 24.10 -12.40
CA GLN A 251 -3.87 23.60 -13.71
C GLN A 251 -2.95 22.39 -13.47
N VAL A 252 -2.99 21.47 -14.40
CA VAL A 252 -2.09 20.27 -14.36
C VAL A 252 -1.26 20.27 -15.62
N HIS A 253 0.00 19.89 -15.51
CA HIS A 253 0.98 20.02 -16.61
C HIS A 253 1.82 18.76 -16.67
N GLY A 254 2.07 18.29 -17.87
CA GLY A 254 3.00 17.20 -18.17
C GLY A 254 4.29 17.74 -18.77
N LEU A 255 5.44 17.40 -18.17
CA LEU A 255 6.75 17.84 -18.68
C LEU A 255 7.65 16.63 -18.90
N ILE A 256 8.60 16.78 -19.81
CA ILE A 256 9.77 15.86 -19.94
C ILE A 256 11.02 16.70 -19.72
N TYR A 257 11.86 16.28 -18.76
CA TYR A 257 13.20 16.84 -18.52
C TYR A 257 14.21 16.10 -19.38
N ASP A 258 14.99 16.84 -20.16
CA ASP A 258 16.09 16.26 -20.98
C ASP A 258 17.36 16.30 -20.14
N VAL A 259 17.80 15.16 -19.65
CA VAL A 259 18.96 15.08 -18.69
C VAL A 259 20.25 15.49 -19.42
N GLY A 260 20.26 15.47 -20.77
CA GLY A 260 21.45 15.86 -21.56
C GLY A 260 21.59 17.36 -21.79
N SER A 261 20.50 18.12 -21.80
CA SER A 261 20.50 19.57 -22.14
C SER A 261 20.11 20.40 -20.92
N GLY A 262 19.34 19.84 -19.98
CA GLY A 262 18.82 20.59 -18.84
C GLY A 262 17.50 21.28 -19.14
N PHE A 263 16.96 21.12 -20.34
CA PHE A 263 15.68 21.76 -20.73
C PHE A 263 14.47 20.89 -20.39
N LEU A 264 13.44 21.55 -19.85
CA LEU A 264 12.07 21.04 -19.74
C LEU A 264 11.30 21.32 -21.06
N ARG A 265 10.56 20.32 -21.56
CA ARG A 265 9.59 20.52 -22.66
C ARG A 265 8.21 20.10 -22.17
N GLN A 266 7.19 20.82 -22.63
CA GLN A 266 5.76 20.52 -22.32
C GLN A 266 5.29 19.41 -23.25
N LEU A 267 4.53 18.47 -22.71
CA LEU A 267 3.73 17.53 -23.52
C LEU A 267 2.41 18.20 -23.87
N ASP A 268 1.96 18.00 -25.11
CA ASP A 268 0.65 18.46 -25.70
C ASP A 268 -0.53 18.11 -24.77
N ALA A 269 -0.54 16.87 -24.26
CA ALA A 269 -1.43 16.35 -23.18
C ALA A 269 -2.88 16.86 -23.30
N ALA A 270 -3.41 17.06 -24.52
CA ALA A 270 -4.84 17.38 -24.73
C ALA A 270 -5.66 16.12 -24.38
N GLU A 271 -6.81 16.30 -23.72
CA GLU A 271 -7.88 15.26 -23.64
C GLU A 271 -9.19 15.87 -24.14
N PRO A 272 -9.94 15.18 -25.03
CA PRO A 272 -11.32 15.56 -25.33
C PRO A 272 -12.11 16.02 -24.08
N GLU A 273 -13.01 16.99 -24.25
CA GLU A 273 -13.78 17.58 -23.12
C GLU A 273 -14.60 16.47 -22.46
N GLU A 274 -15.20 15.59 -23.28
CA GLU A 274 -16.11 14.50 -22.83
C GLU A 274 -15.36 13.52 -21.92
N ALA A 275 -14.01 13.48 -22.00
CA ALA A 275 -13.14 12.68 -21.10
C ALA A 275 -13.28 13.18 -19.67
N LEU A 276 -13.11 14.49 -19.44
CA LEU A 276 -13.14 15.10 -18.07
C LEU A 276 -14.57 15.09 -17.51
N LYS A 277 -15.59 15.16 -18.35
CA LYS A 277 -17.02 15.10 -17.93
C LYS A 277 -17.33 13.71 -17.34
N ALA A 278 -16.94 12.64 -18.03
CA ALA A 278 -17.12 11.24 -17.56
C ALA A 278 -16.35 11.05 -16.24
N ARG A 279 -15.15 11.66 -16.15
CA ARG A 279 -14.27 11.55 -14.93
C ARG A 279 -14.96 12.24 -13.75
N LEU A 280 -15.48 13.43 -13.96
CA LEU A 280 -16.23 14.21 -12.93
C LEU A 280 -17.38 13.35 -12.41
N THR A 281 -18.20 12.81 -13.32
CA THR A 281 -19.36 11.96 -12.96
C THR A 281 -18.88 10.77 -12.11
N SER A 282 -17.78 10.15 -12.52
CA SER A 282 -17.34 8.83 -12.00
C SER A 282 -16.56 8.99 -10.68
N PHE A 283 -15.91 10.14 -10.45
CA PHE A 283 -14.92 10.29 -9.34
C PHE A 283 -15.24 11.44 -8.37
N LYS A 284 -16.04 12.43 -8.76
CA LYS A 284 -16.39 13.52 -7.81
C LYS A 284 -17.22 12.98 -6.64
N THR A 285 -16.77 13.29 -5.44
CA THR A 285 -17.28 12.77 -4.15
C THR A 285 -17.61 13.99 -3.28
N ASP A 286 -18.63 13.87 -2.42
CA ASP A 286 -18.89 14.86 -1.32
C ASP A 286 -17.89 14.56 -0.20
N SER B 78 1.13 36.79 -11.31
CA SER B 78 2.14 36.23 -12.27
C SER B 78 2.04 34.71 -12.30
N ASP B 79 2.06 34.11 -13.49
CA ASP B 79 1.97 32.65 -13.68
C ASP B 79 3.33 32.02 -13.27
N LYS B 80 3.36 31.33 -12.12
CA LYS B 80 4.60 30.74 -11.56
C LYS B 80 5.07 29.57 -12.42
N PHE B 81 4.17 28.92 -13.14
CA PHE B 81 4.51 27.79 -14.03
C PHE B 81 5.27 28.32 -15.26
N SER B 82 4.71 29.29 -15.99
CA SER B 82 5.41 29.88 -17.16
C SER B 82 6.71 30.55 -16.68
N ALA B 83 6.72 31.18 -15.50
CA ALA B 83 7.93 31.81 -14.95
C ALA B 83 9.00 30.72 -14.69
N ALA B 84 8.59 29.56 -14.20
CA ALA B 84 9.52 28.45 -13.86
C ALA B 84 10.13 27.89 -15.15
N LEU B 85 9.35 27.72 -16.21
CA LEU B 85 9.88 27.24 -17.51
C LEU B 85 10.93 28.23 -18.04
N ALA B 86 10.69 29.54 -17.94
CA ALA B 86 11.66 30.56 -18.41
C ALA B 86 12.94 30.45 -17.58
N LYS B 87 12.82 30.30 -16.27
CA LYS B 87 13.99 30.20 -15.36
C LYS B 87 14.75 28.90 -15.62
N ASN B 88 14.04 27.82 -15.96
CA ASN B 88 14.69 26.55 -16.33
C ASN B 88 15.58 26.80 -17.54
N LYS B 89 15.07 27.46 -18.60
CA LYS B 89 15.87 27.66 -19.81
C LYS B 89 17.13 28.49 -19.49
N GLU B 90 16.98 29.50 -18.64
CA GLU B 90 18.11 30.38 -18.23
C GLU B 90 19.12 29.55 -17.43
N TRP B 91 18.65 28.68 -16.54
CA TRP B 91 19.54 27.82 -15.73
C TRP B 91 20.28 26.85 -16.68
N ALA B 92 19.59 26.20 -17.61
CA ALA B 92 20.21 25.22 -18.54
C ALA B 92 21.27 25.93 -19.40
N ALA B 93 20.99 27.14 -19.85
CA ALA B 93 21.96 27.88 -20.72
C ALA B 93 23.18 28.27 -19.88
N LYS B 94 22.96 28.76 -18.65
CA LYS B 94 24.07 29.03 -17.70
C LYS B 94 24.91 27.77 -17.47
N CYS B 95 24.28 26.62 -17.25
CA CYS B 95 24.98 25.34 -16.94
C CYS B 95 25.87 24.99 -18.15
N SER B 96 25.40 25.19 -19.38
CA SER B 96 26.18 24.88 -20.60
C SER B 96 27.43 25.80 -20.65
N GLN B 97 27.32 27.04 -20.21
CA GLN B 97 28.40 28.06 -20.28
C GLN B 97 29.40 27.84 -19.14
N GLU B 98 28.94 27.50 -17.94
CA GLU B 98 29.78 27.49 -16.71
C GLU B 98 30.29 26.09 -16.34
N HIS B 99 29.61 25.02 -16.75
CA HIS B 99 30.05 23.61 -16.51
C HIS B 99 29.70 22.79 -17.74
N PRO B 100 30.32 23.08 -18.92
CA PRO B 100 29.83 22.55 -20.19
C PRO B 100 29.91 21.02 -20.28
N GLU B 101 30.75 20.38 -19.45
CA GLU B 101 30.91 18.90 -19.46
C GLU B 101 29.81 18.23 -18.61
N LEU B 102 29.17 18.93 -17.67
CA LEU B 102 28.40 18.29 -16.57
C LEU B 102 27.17 17.57 -17.13
N LEU B 103 26.26 18.28 -17.80
CA LEU B 103 24.98 17.68 -18.25
C LEU B 103 25.24 16.56 -19.25
N PRO B 104 26.13 16.73 -20.27
CA PRO B 104 26.43 15.61 -21.15
C PRO B 104 27.01 14.38 -20.43
N THR B 105 27.87 14.55 -19.42
CA THR B 105 28.40 13.38 -18.67
C THR B 105 27.26 12.72 -17.86
N LEU B 106 26.34 13.50 -17.31
CA LEU B 106 25.20 12.97 -16.51
C LEU B 106 24.28 12.15 -17.44
N ALA B 107 24.07 12.60 -18.67
CA ALA B 107 23.24 11.89 -19.66
C ALA B 107 23.77 10.47 -19.90
N VAL B 108 25.06 10.25 -19.70
CA VAL B 108 25.66 8.91 -19.92
C VAL B 108 25.17 7.97 -18.81
N GLY B 109 24.96 8.46 -17.58
CA GLY B 109 24.44 7.62 -16.49
C GLY B 109 24.64 8.32 -15.17
N GLN B 110 23.78 8.07 -14.19
CA GLN B 110 23.90 8.72 -12.88
C GLN B 110 24.77 7.84 -11.99
N HIS B 111 25.48 8.45 -11.05
CA HIS B 111 26.30 7.73 -10.05
C HIS B 111 26.25 8.50 -8.74
N PRO B 112 25.05 8.78 -8.18
CA PRO B 112 24.97 9.49 -6.93
C PRO B 112 25.50 8.60 -5.82
N GLU B 113 26.13 9.19 -4.81
CA GLU B 113 26.63 8.44 -3.63
C GLU B 113 25.66 8.56 -2.46
N ILE B 114 24.61 9.37 -2.58
CA ILE B 114 23.66 9.67 -1.46
C ILE B 114 22.25 9.36 -1.93
N LEU B 115 21.51 8.61 -1.12
CA LEU B 115 20.02 8.54 -1.16
C LEU B 115 19.53 9.43 -0.02
N TRP B 116 18.70 10.38 -0.38
CA TRP B 116 18.03 11.29 0.55
C TRP B 116 16.56 10.91 0.63
N ILE B 117 16.11 10.67 1.84
CA ILE B 117 14.67 10.49 2.17
C ILE B 117 14.30 11.69 3.05
N GLY B 118 13.48 12.59 2.55
CA GLY B 118 13.11 13.81 3.25
C GLY B 118 11.65 14.16 3.11
N CYS B 119 11.27 15.29 3.65
CA CYS B 119 9.88 15.75 3.60
C CYS B 119 9.63 16.44 2.25
N SER B 120 8.42 16.34 1.76
CA SER B 120 7.92 17.05 0.57
C SER B 120 7.87 18.57 0.80
N ASP B 121 7.90 18.99 2.06
CA ASP B 121 7.85 20.44 2.43
C ASP B 121 8.69 21.26 1.45
N SER B 122 8.10 22.30 0.85
CA SER B 122 8.76 23.16 -0.18
C SER B 122 10.05 23.78 0.36
N ARG B 123 10.20 23.87 1.67
CA ARG B 123 11.39 24.53 2.27
C ARG B 123 12.58 23.55 2.39
N CYS B 124 12.44 22.27 1.98
CA CYS B 124 13.52 21.25 2.13
C CYS B 124 13.99 20.66 0.80
N PRO B 125 14.41 21.47 -0.20
CA PRO B 125 15.02 20.95 -1.42
C PRO B 125 16.48 20.50 -1.23
N GLU B 126 16.69 19.19 -1.25
CA GLU B 126 17.93 18.49 -0.79
C GLU B 126 19.13 19.06 -1.54
N THR B 127 19.07 19.21 -2.86
CA THR B 127 20.30 19.51 -3.66
C THR B 127 20.71 20.95 -3.36
N THR B 128 19.74 21.86 -3.21
CA THR B 128 19.97 23.27 -2.82
C THR B 128 20.62 23.32 -1.42
N ILE B 129 20.04 22.67 -0.41
CA ILE B 129 20.46 22.90 1.00
C ILE B 129 21.79 22.19 1.25
N LEU B 130 22.14 21.19 0.45
CA LEU B 130 23.44 20.46 0.54
C LEU B 130 24.53 21.16 -0.29
N GLY B 131 24.18 22.20 -1.04
CA GLY B 131 25.12 22.89 -1.93
C GLY B 131 25.67 21.96 -2.99
N LEU B 132 24.86 21.05 -3.54
CA LEU B 132 25.33 20.00 -4.47
C LEU B 132 24.78 20.28 -5.86
N LEU B 133 25.06 19.39 -6.79
CA LEU B 133 24.67 19.52 -8.21
C LEU B 133 23.71 18.39 -8.58
N PRO B 134 22.98 18.54 -9.70
CA PRO B 134 22.33 17.41 -10.34
C PRO B 134 23.33 16.25 -10.44
N GLY B 135 22.83 15.03 -10.21
CA GLY B 135 23.53 13.75 -10.23
C GLY B 135 24.12 13.37 -8.88
N ASP B 136 24.03 14.21 -7.88
CA ASP B 136 24.70 13.97 -6.58
C ASP B 136 23.74 13.27 -5.60
N VAL B 137 22.44 13.51 -5.66
CA VAL B 137 21.51 13.02 -4.60
C VAL B 137 20.29 12.32 -5.21
N PHE B 138 20.22 11.00 -5.03
CA PHE B 138 19.01 10.23 -5.36
C PHE B 138 17.96 10.55 -4.31
N THR B 139 16.75 10.96 -4.74
CA THR B 139 15.83 11.64 -3.80
C THR B 139 14.44 11.01 -3.73
N HIS B 140 13.98 10.75 -2.51
CA HIS B 140 12.57 10.45 -2.20
C HIS B 140 12.08 11.47 -1.18
N ARG B 141 10.97 12.12 -1.49
CA ARG B 141 10.32 13.06 -0.57
C ARG B 141 8.85 12.68 -0.44
N ASN B 142 8.36 12.62 0.81
CA ASN B 142 6.95 12.28 1.11
C ASN B 142 6.52 13.15 2.28
N ILE B 143 5.25 13.10 2.66
CA ILE B 143 4.77 13.88 3.82
C ILE B 143 5.47 13.37 5.08
N ALA B 144 6.23 14.25 5.73
CA ALA B 144 6.89 14.06 7.04
C ALA B 144 7.94 12.93 6.97
N ASN B 145 8.50 12.67 5.79
CA ASN B 145 9.67 11.76 5.64
C ASN B 145 9.40 10.49 6.44
N VAL B 146 8.22 9.90 6.29
CA VAL B 146 7.77 8.71 7.04
C VAL B 146 8.15 7.47 6.26
N ILE B 147 8.78 6.50 6.94
CA ILE B 147 9.05 5.19 6.32
C ILE B 147 8.05 4.18 6.89
N HIS B 148 6.99 3.87 6.14
CA HIS B 148 6.08 2.74 6.42
C HIS B 148 6.84 1.50 6.01
N PRO B 149 7.01 0.51 6.89
CA PRO B 149 7.81 -0.68 6.56
C PRO B 149 7.43 -1.35 5.22
N ALA B 150 6.16 -1.44 4.89
CA ALA B 150 5.71 -2.19 3.68
C ALA B 150 5.22 -1.23 2.59
N ASP B 151 5.63 0.05 2.63
CA ASP B 151 5.33 1.06 1.59
C ASP B 151 6.14 0.71 0.33
N LEU B 152 5.49 0.50 -0.83
CA LEU B 152 6.21 0.17 -2.09
C LEU B 152 6.96 1.38 -2.62
N SER B 153 6.44 2.59 -2.39
CA SER B 153 7.04 3.82 -2.95
C SER B 153 8.45 3.99 -2.38
N SER B 154 8.60 4.03 -1.05
CA SER B 154 9.94 4.15 -0.42
C SER B 154 10.70 2.82 -0.60
N GLY B 155 10.01 1.69 -0.55
CA GLY B 155 10.62 0.36 -0.72
C GLY B 155 11.35 0.25 -2.06
N ALA B 156 10.70 0.67 -3.13
CA ALA B 156 11.28 0.61 -4.49
C ALA B 156 12.46 1.58 -4.55
N VAL B 157 12.35 2.78 -3.98
CA VAL B 157 13.53 3.70 -4.11
C VAL B 157 14.72 3.13 -3.35
N ILE B 158 14.50 2.53 -2.18
CA ILE B 158 15.59 1.96 -1.36
C ILE B 158 16.20 0.79 -2.10
N GLU B 159 15.40 -0.11 -2.64
CA GLU B 159 15.90 -1.29 -3.40
C GLU B 159 16.78 -0.76 -4.54
N PHE B 160 16.28 0.18 -5.34
CA PHE B 160 17.02 0.69 -6.51
C PHE B 160 18.31 1.40 -6.09
N ALA B 161 18.22 2.33 -5.14
CA ALA B 161 19.37 3.15 -4.74
C ALA B 161 20.44 2.26 -4.12
N VAL B 162 20.05 1.30 -3.27
CA VAL B 162 21.03 0.52 -2.48
C VAL B 162 21.57 -0.60 -3.36
N ARG B 163 20.72 -1.39 -4.01
CA ARG B 163 21.21 -2.57 -4.77
C ARG B 163 21.76 -2.15 -6.15
N HIS B 164 21.10 -1.25 -6.87
CA HIS B 164 21.49 -0.93 -8.29
C HIS B 164 22.48 0.24 -8.34
N LEU B 165 22.19 1.38 -7.73
CA LEU B 165 23.09 2.54 -7.82
C LEU B 165 24.25 2.35 -6.86
N ARG B 166 24.09 1.50 -5.83
CA ARG B 166 25.11 1.29 -4.78
C ARG B 166 25.49 2.60 -4.11
N VAL B 167 24.50 3.36 -3.65
CA VAL B 167 24.80 4.61 -2.91
C VAL B 167 25.61 4.22 -1.67
N LYS B 168 26.49 5.09 -1.23
CA LYS B 168 27.35 4.83 -0.04
C LYS B 168 26.64 5.30 1.22
N HIS B 169 25.66 6.18 1.08
CA HIS B 169 24.99 6.83 2.21
C HIS B 169 23.49 6.85 1.99
N VAL B 170 22.74 6.46 3.02
CA VAL B 170 21.30 6.75 3.08
C VAL B 170 21.06 7.77 4.17
N VAL B 171 20.45 8.89 3.82
CA VAL B 171 20.20 9.99 4.77
C VAL B 171 18.69 10.08 4.97
N ILE B 172 18.22 10.01 6.21
CA ILE B 172 16.81 10.37 6.52
C ILE B 172 16.84 11.74 7.14
N CYS B 173 16.17 12.69 6.51
CA CYS B 173 16.16 14.10 6.96
C CYS B 173 14.75 14.53 7.34
N GLY B 174 14.51 14.74 8.64
CA GLY B 174 13.32 15.44 9.17
C GLY B 174 13.57 16.93 9.21
N HIS B 175 12.57 17.71 9.60
CA HIS B 175 12.79 19.18 9.64
C HIS B 175 11.96 19.84 10.72
N THR B 176 12.39 21.03 11.15
CA THR B 176 11.68 21.85 12.14
C THR B 176 10.45 22.42 11.43
N LYS B 177 9.38 22.67 12.18
CA LYS B 177 8.12 23.25 11.65
C LYS B 177 7.53 22.31 10.60
N CYS B 178 7.68 21.00 10.77
CA CYS B 178 7.03 19.98 9.90
C CYS B 178 5.56 19.91 10.30
N GLY B 179 4.69 20.40 9.42
CA GLY B 179 3.23 20.37 9.67
C GLY B 179 2.66 18.97 9.69
N GLY B 180 3.31 18.00 9.04
CA GLY B 180 2.91 16.59 9.14
C GLY B 180 3.06 16.08 10.56
N VAL B 181 4.21 16.32 11.17
CA VAL B 181 4.48 15.99 12.60
C VAL B 181 3.46 16.76 13.46
N ALA B 182 3.25 18.04 13.22
CA ALA B 182 2.27 18.85 14.00
C ALA B 182 0.87 18.26 13.87
N ALA B 183 0.46 17.83 12.66
CA ALA B 183 -0.87 17.22 12.46
C ALA B 183 -1.02 15.96 13.31
N ALA B 184 0.03 15.15 13.44
CA ALA B 184 0.04 13.91 14.23
C ALA B 184 -0.13 14.20 15.73
N LEU B 185 0.24 15.38 16.18
CA LEU B 185 0.12 15.77 17.61
C LEU B 185 -1.30 16.33 17.88
N GLY B 186 -2.09 16.57 16.82
CA GLY B 186 -3.51 16.96 16.92
C GLY B 186 -4.40 15.77 16.65
N ASN B 187 -5.71 15.95 16.69
CA ASN B 187 -6.69 14.83 16.56
C ASN B 187 -7.80 15.25 15.59
N LYS B 188 -7.47 16.12 14.64
CA LYS B 188 -8.39 16.58 13.58
C LYS B 188 -8.35 15.54 12.45
N GLY B 189 -9.51 15.08 11.97
CA GLY B 189 -9.63 14.06 10.91
C GLY B 189 -9.20 14.67 9.60
N LEU B 190 -8.29 14.05 8.85
CA LEU B 190 -7.67 14.68 7.66
C LEU B 190 -7.83 13.81 6.42
N GLY B 191 -8.78 12.88 6.46
CA GLY B 191 -9.09 11.99 5.33
C GLY B 191 -7.91 11.08 5.03
N ILE B 192 -7.48 11.02 3.78
CA ILE B 192 -6.40 10.08 3.33
C ILE B 192 -5.08 10.36 4.06
N LEU B 193 -4.88 11.55 4.62
CA LEU B 193 -3.67 11.86 5.43
C LEU B 193 -3.62 11.03 6.71
N ASP B 194 -4.77 10.59 7.26
CA ASP B 194 -4.81 9.88 8.57
C ASP B 194 -4.02 8.58 8.48
N PRO B 195 -4.28 7.65 7.54
CA PRO B 195 -3.50 6.41 7.48
C PRO B 195 -2.02 6.70 7.17
N TRP B 196 -1.74 7.74 6.38
CA TRP B 196 -0.34 8.10 6.03
C TRP B 196 0.44 8.45 7.31
N LEU B 197 -0.19 9.17 8.24
CA LEU B 197 0.51 9.69 9.44
C LEU B 197 0.50 8.68 10.58
N ILE B 198 -0.06 7.48 10.41
CA ILE B 198 -0.16 6.49 11.51
C ILE B 198 1.18 6.27 12.19
N PRO B 199 2.32 6.12 11.49
CA PRO B 199 3.59 5.88 12.18
C PRO B 199 3.96 6.99 13.17
N LEU B 200 3.58 8.23 12.89
CA LEU B 200 3.82 9.39 13.79
C LEU B 200 2.91 9.27 15.02
N ARG B 201 1.67 8.83 14.83
CA ARG B 201 0.74 8.60 15.97
C ARG B 201 1.19 7.38 16.77
N GLN B 202 1.82 6.38 16.15
CA GLN B 202 2.39 5.23 16.92
C GLN B 202 3.48 5.72 17.86
N LEU B 203 4.36 6.60 17.38
CA LEU B 203 5.45 7.22 18.19
C LEU B 203 4.84 8.12 19.25
N ARG B 204 3.81 8.88 18.89
CA ARG B 204 3.08 9.74 19.87
C ARG B 204 2.56 8.89 21.03
N GLU B 205 1.89 7.77 20.75
CA GLU B 205 1.38 6.85 21.80
C GLU B 205 2.54 6.33 22.65
N GLN B 206 3.61 5.84 22.02
CA GLN B 206 4.75 5.25 22.76
C GLN B 206 5.42 6.30 23.66
N HIS B 207 5.51 7.55 23.20
CA HIS B 207 6.31 8.62 23.86
C HIS B 207 5.39 9.71 24.42
N LEU B 208 4.15 9.36 24.74
CA LEU B 208 3.10 10.36 25.05
C LEU B 208 3.50 11.19 26.27
N ALA B 209 4.02 10.58 27.32
CA ALA B 209 4.33 11.33 28.58
C ALA B 209 5.41 12.38 28.26
N GLU B 210 6.45 11.99 27.54
CA GLU B 210 7.52 12.93 27.12
C GLU B 210 6.95 14.04 26.25
N LEU B 211 6.12 13.71 25.25
CA LEU B 211 5.60 14.71 24.31
C LEU B 211 4.65 15.69 25.04
N GLN B 212 3.84 15.17 25.96
CA GLN B 212 2.87 16.00 26.73
C GLN B 212 3.62 16.95 27.69
N SER B 213 4.87 16.63 28.06
CA SER B 213 5.68 17.47 28.98
C SER B 213 6.28 18.66 28.24
N LEU B 214 6.13 18.75 26.91
CA LEU B 214 6.73 19.80 26.08
C LEU B 214 5.63 20.75 25.60
N SER B 215 6.01 21.96 25.20
CA SER B 215 5.15 22.91 24.44
C SER B 215 4.86 22.28 23.09
N ARG B 216 3.88 22.81 22.35
CA ARG B 216 3.58 22.26 21.02
C ARG B 216 4.82 22.42 20.11
N ASP B 217 5.48 23.58 20.11
CA ASP B 217 6.66 23.80 19.24
C ASP B 217 7.77 22.82 19.60
N GLU B 218 8.00 22.62 20.89
CA GLU B 218 9.03 21.65 21.36
C GLU B 218 8.65 20.22 20.97
N ALA B 219 7.37 19.85 21.08
CA ALA B 219 6.87 18.50 20.74
C ALA B 219 7.05 18.23 19.24
N VAL B 220 6.85 19.26 18.42
CA VAL B 220 7.01 19.13 16.96
C VAL B 220 8.49 18.79 16.66
N VAL B 221 9.44 19.42 17.32
CA VAL B 221 10.87 19.11 17.09
C VAL B 221 11.12 17.69 17.58
N ARG B 222 10.68 17.37 18.80
CA ARG B 222 10.98 16.07 19.44
C ARG B 222 10.37 14.93 18.61
N LEU B 223 9.10 15.04 18.22
CA LEU B 223 8.46 13.94 17.44
C LEU B 223 9.13 13.87 16.06
N ALA B 224 9.61 14.97 15.49
CA ALA B 224 10.36 14.96 14.19
C ALA B 224 11.64 14.14 14.37
N GLU B 225 12.32 14.27 15.51
CA GLU B 225 13.54 13.51 15.81
C GLU B 225 13.22 12.04 16.00
N LEU B 226 12.20 11.72 16.78
CA LEU B 226 11.78 10.31 17.04
C LEU B 226 11.41 9.63 15.70
N ASN B 227 10.77 10.37 14.83
CA ASN B 227 10.36 9.89 13.48
C ASN B 227 11.60 9.57 12.62
N VAL B 228 12.62 10.41 12.64
CA VAL B 228 13.90 10.13 11.90
C VAL B 228 14.50 8.86 12.46
N LYS B 229 14.59 8.74 13.78
CA LYS B 229 15.23 7.57 14.40
C LYS B 229 14.42 6.32 14.09
N GLU B 230 13.08 6.41 14.13
CA GLU B 230 12.22 5.24 13.81
C GLU B 230 12.40 4.90 12.32
N GLY B 231 12.56 5.92 11.47
CA GLY B 231 12.84 5.69 10.04
C GLY B 231 14.12 4.91 9.84
N LEU B 232 15.18 5.24 10.60
CA LEU B 232 16.49 4.56 10.46
C LEU B 232 16.34 3.10 10.86
N LYS B 233 15.53 2.83 11.88
CA LYS B 233 15.18 1.44 12.29
C LYS B 233 14.43 0.74 11.14
N ALA B 234 13.38 1.32 10.59
CA ALA B 234 12.61 0.70 9.49
C ALA B 234 13.54 0.44 8.29
N LEU B 235 14.46 1.38 8.00
CA LEU B 235 15.42 1.27 6.88
C LEU B 235 16.32 0.05 7.09
N THR B 236 16.82 -0.14 8.32
CA THR B 236 17.80 -1.20 8.63
C THR B 236 17.08 -2.53 8.84
N GLN B 237 15.75 -2.54 8.88
CA GLN B 237 14.98 -3.80 8.91
C GLN B 237 14.85 -4.37 7.48
N LYS B 238 15.46 -3.78 6.48
CA LYS B 238 15.33 -4.27 5.10
C LYS B 238 16.62 -5.04 4.78
N SER B 239 16.48 -6.26 4.29
CA SER B 239 17.61 -7.14 3.93
C SER B 239 18.56 -6.41 2.98
N VAL B 240 18.06 -5.66 1.98
CA VAL B 240 18.94 -5.00 0.96
C VAL B 240 19.88 -4.02 1.68
N VAL B 241 19.41 -3.36 2.73
CA VAL B 241 20.23 -2.40 3.51
C VAL B 241 21.21 -3.18 4.39
N LEU B 242 20.74 -4.19 5.10
CA LEU B 242 21.62 -5.00 6.02
C LEU B 242 22.73 -5.66 5.19
N GLU B 243 22.37 -6.18 4.00
CA GLU B 243 23.35 -6.79 3.06
C GLU B 243 24.42 -5.76 2.72
N ALA B 244 24.03 -4.56 2.27
CA ALA B 244 24.94 -3.50 1.80
C ALA B 244 25.81 -3.03 2.96
N MET B 245 25.28 -2.95 4.18
CA MET B 245 26.07 -2.51 5.35
C MET B 245 27.21 -3.51 5.58
N GLN B 246 26.93 -4.80 5.57
CA GLN B 246 27.96 -5.85 5.82
C GLN B 246 28.89 -6.02 4.61
N GLU B 247 28.34 -6.02 3.39
CA GLU B 247 29.11 -6.33 2.17
C GLU B 247 30.01 -5.16 1.73
N ARG B 248 29.55 -3.91 1.84
CA ARG B 248 30.26 -2.77 1.20
C ARG B 248 30.23 -1.51 2.07
N GLY B 249 29.91 -1.61 3.35
CA GLY B 249 30.01 -0.50 4.30
C GLY B 249 29.06 0.63 3.97
N LEU B 250 27.89 0.33 3.43
CA LEU B 250 26.80 1.34 3.37
C LEU B 250 26.64 1.96 4.76
N GLN B 251 26.51 3.28 4.82
CA GLN B 251 26.24 4.01 6.09
C GLN B 251 24.85 4.66 6.03
N VAL B 252 24.21 4.77 7.19
CA VAL B 252 22.86 5.40 7.29
C VAL B 252 22.96 6.53 8.30
N HIS B 253 22.25 7.64 8.08
CA HIS B 253 22.41 8.88 8.87
C HIS B 253 21.04 9.53 9.07
N GLY B 254 20.83 10.08 10.25
CA GLY B 254 19.63 10.89 10.58
C GLY B 254 20.00 12.35 10.71
N LEU B 255 19.23 13.23 10.06
CA LEU B 255 19.40 14.70 10.13
C LEU B 255 18.09 15.35 10.50
N ILE B 256 18.19 16.53 11.12
CA ILE B 256 17.06 17.49 11.21
C ILE B 256 17.50 18.76 10.51
N TYR B 257 16.72 19.23 9.52
CA TYR B 257 16.90 20.51 8.81
C TYR B 257 16.15 21.59 9.59
N ASP B 258 16.85 22.66 9.95
CA ASP B 258 16.24 23.85 10.61
C ASP B 258 15.83 24.81 9.50
N VAL B 259 14.53 24.91 9.22
CA VAL B 259 14.01 25.72 8.08
C VAL B 259 14.29 27.21 8.33
N GLY B 260 14.56 27.61 9.57
CA GLY B 260 14.77 29.02 9.93
C GLY B 260 16.22 29.45 9.79
N SER B 261 17.19 28.53 9.91
CA SER B 261 18.64 28.86 9.88
C SER B 261 19.29 28.33 8.62
N GLY B 262 18.74 27.25 8.04
CA GLY B 262 19.34 26.58 6.87
C GLY B 262 20.34 25.52 7.28
N PHE B 263 20.56 25.31 8.58
CA PHE B 263 21.53 24.29 9.05
C PHE B 263 20.88 22.92 9.19
N LEU B 264 21.58 21.88 8.69
CA LEU B 264 21.36 20.46 9.03
C LEU B 264 22.08 20.15 10.33
N ARG B 265 21.41 19.43 11.25
CA ARG B 265 21.96 18.92 12.52
C ARG B 265 21.94 17.40 12.45
N GLN B 266 23.03 16.72 12.84
CA GLN B 266 23.05 15.24 12.94
C GLN B 266 22.36 14.82 14.23
N LEU B 267 21.55 13.77 14.17
CA LEU B 267 21.03 13.12 15.38
C LEU B 267 22.07 12.12 15.86
N ASP B 268 22.27 12.05 17.18
CA ASP B 268 23.16 11.08 17.88
C ASP B 268 22.79 9.64 17.50
N ALA B 269 21.48 9.34 17.37
CA ALA B 269 20.89 8.12 16.76
C ALA B 269 21.63 6.84 17.19
N ALA B 270 22.14 6.78 18.43
CA ALA B 270 22.85 5.59 18.95
C ALA B 270 21.86 4.43 19.09
N GLU B 271 22.27 3.23 18.69
CA GLU B 271 21.63 1.94 19.04
C GLU B 271 22.74 1.02 19.53
N PRO B 272 22.57 0.29 20.66
CA PRO B 272 23.48 -0.80 21.03
C PRO B 272 23.94 -1.63 19.81
N GLU B 273 25.16 -2.17 19.84
CA GLU B 273 25.64 -3.16 18.84
C GLU B 273 24.65 -4.33 18.79
N GLU B 274 24.19 -4.78 19.95
CA GLU B 274 23.30 -5.98 20.10
C GLU B 274 21.95 -5.73 19.39
N ALA B 275 21.59 -4.46 19.14
CA ALA B 275 20.40 -4.06 18.36
C ALA B 275 20.56 -4.53 16.91
N LEU B 276 21.68 -4.23 16.26
CA LEU B 276 21.90 -4.56 14.81
C LEU B 276 22.11 -6.08 14.65
N LYS B 277 22.64 -6.77 15.65
CA LYS B 277 22.80 -8.25 15.64
C LYS B 277 21.43 -8.94 15.60
N ALA B 278 20.51 -8.55 16.48
CA ALA B 278 19.13 -9.07 16.53
C ALA B 278 18.43 -8.77 15.18
N ARG B 279 18.68 -7.58 14.61
CA ARG B 279 18.04 -7.14 13.33
C ARG B 279 18.56 -8.04 12.20
N LEU B 280 19.87 -8.26 12.13
CA LEU B 280 20.51 -9.15 11.13
C LEU B 280 19.85 -10.53 11.21
N THR B 281 19.76 -11.11 12.42
CA THR B 281 19.18 -12.45 12.65
C THR B 281 17.75 -12.47 12.12
N SER B 282 16.99 -11.41 12.41
CA SER B 282 15.52 -11.40 12.26
C SER B 282 15.16 -11.03 10.80
N PHE B 283 16.00 -10.26 10.09
CA PHE B 283 15.60 -9.65 8.78
C PHE B 283 16.50 -10.01 7.61
N LYS B 284 17.76 -10.38 7.82
CA LYS B 284 18.66 -10.63 6.66
C LYS B 284 18.25 -11.96 6.02
N THR B 285 17.99 -11.96 4.71
CA THR B 285 17.62 -13.18 3.95
C THR B 285 18.71 -13.57 2.96
N ASP B 286 18.66 -14.81 2.47
CA ASP B 286 19.72 -15.44 1.62
C ASP B 286 19.40 -15.27 0.13
N SER C 76 -22.51 -14.39 28.57
CA SER C 76 -23.99 -14.47 28.71
C SER C 76 -24.62 -14.84 27.36
N LEU C 77 -25.95 -14.97 27.39
CA LEU C 77 -26.68 -15.84 26.43
C LEU C 77 -26.93 -15.07 25.13
N SER C 78 -26.97 -13.74 25.19
CA SER C 78 -27.22 -12.89 24.00
C SER C 78 -25.90 -12.50 23.32
N ASP C 79 -24.75 -12.89 23.90
CA ASP C 79 -23.43 -12.50 23.35
C ASP C 79 -23.12 -13.45 22.18
N LYS C 80 -23.10 -12.92 20.95
CA LYS C 80 -22.84 -13.69 19.70
C LYS C 80 -21.43 -14.28 19.69
N PHE C 81 -20.47 -13.64 20.34
CA PHE C 81 -19.06 -14.12 20.40
C PHE C 81 -19.01 -15.37 21.29
N SER C 82 -19.51 -15.31 22.53
CA SER C 82 -19.52 -16.49 23.43
C SER C 82 -20.40 -17.58 22.80
N ALA C 83 -21.48 -17.23 22.11
CA ALA C 83 -22.32 -18.22 21.41
C ALA C 83 -21.51 -18.90 20.29
N ALA C 84 -20.68 -18.13 19.58
CA ALA C 84 -19.86 -18.67 18.48
C ALA C 84 -18.80 -19.63 19.03
N LEU C 85 -18.16 -19.30 20.14
CA LEU C 85 -17.14 -20.20 20.75
C LEU C 85 -17.83 -21.51 21.18
N ALA C 86 -19.03 -21.45 21.74
CA ALA C 86 -19.79 -22.68 22.12
C ALA C 86 -20.07 -23.51 20.86
N LYS C 87 -20.49 -22.88 19.78
CA LYS C 87 -20.79 -23.58 18.51
C LYS C 87 -19.50 -24.16 17.91
N ASN C 88 -18.38 -23.47 18.05
CA ASN C 88 -17.08 -24.03 17.63
C ASN C 88 -16.82 -25.35 18.36
N LYS C 89 -17.00 -25.39 19.68
CA LYS C 89 -16.72 -26.63 20.47
C LYS C 89 -17.69 -27.74 20.00
N GLU C 90 -18.94 -27.40 19.69
CA GLU C 90 -19.94 -28.36 19.16
C GLU C 90 -19.48 -28.87 17.78
N TRP C 91 -18.96 -28.00 16.93
CA TRP C 91 -18.43 -28.40 15.61
C TRP C 91 -17.19 -29.30 15.78
N ALA C 92 -16.24 -28.96 16.65
CA ALA C 92 -15.07 -29.80 16.96
C ALA C 92 -15.53 -31.19 17.46
N ALA C 93 -16.55 -31.24 18.29
CA ALA C 93 -17.12 -32.53 18.80
C ALA C 93 -17.70 -33.33 17.63
N LYS C 94 -18.46 -32.70 16.75
CA LYS C 94 -19.04 -33.34 15.56
C LYS C 94 -17.90 -33.90 14.68
N CYS C 95 -16.83 -33.15 14.42
CA CYS C 95 -15.67 -33.62 13.62
C CYS C 95 -15.07 -34.86 14.28
N SER C 96 -14.91 -34.86 15.61
CA SER C 96 -14.25 -35.96 16.33
C SER C 96 -15.14 -37.20 16.22
N GLN C 97 -16.46 -37.01 16.22
CA GLN C 97 -17.45 -38.13 16.25
C GLN C 97 -17.62 -38.69 14.84
N GLU C 98 -17.67 -37.85 13.81
CA GLU C 98 -18.14 -38.26 12.46
C GLU C 98 -16.96 -38.46 11.52
N HIS C 99 -15.85 -37.72 11.65
CA HIS C 99 -14.67 -37.80 10.73
C HIS C 99 -13.39 -37.61 11.53
N PRO C 100 -13.08 -38.51 12.49
CA PRO C 100 -12.02 -38.29 13.46
C PRO C 100 -10.62 -38.15 12.83
N GLU C 101 -10.43 -38.63 11.62
CA GLU C 101 -9.11 -38.54 10.92
C GLU C 101 -8.92 -37.15 10.27
N LEU C 102 -9.96 -36.36 10.00
CA LEU C 102 -9.87 -35.20 9.06
C LEU C 102 -8.91 -34.14 9.62
N LEU C 103 -9.21 -33.60 10.81
CA LEU C 103 -8.45 -32.46 11.37
C LEU C 103 -7.01 -32.88 11.64
N PRO C 104 -6.73 -34.05 12.25
CA PRO C 104 -5.34 -34.48 12.42
C PRO C 104 -4.57 -34.65 11.10
N THR C 105 -5.19 -35.13 10.03
CA THR C 105 -4.49 -35.27 8.73
C THR C 105 -4.23 -33.87 8.14
N LEU C 106 -5.15 -32.92 8.33
CA LEU C 106 -4.95 -31.51 7.85
C LEU C 106 -3.80 -30.86 8.61
N ALA C 107 -3.64 -31.16 9.91
CA ALA C 107 -2.54 -30.60 10.74
C ALA C 107 -1.18 -30.97 10.14
N VAL C 108 -1.10 -32.05 9.39
CA VAL C 108 0.18 -32.48 8.77
C VAL C 108 0.55 -31.51 7.65
N GLY C 109 -0.42 -30.93 6.94
CA GLY C 109 -0.12 -29.89 5.94
C GLY C 109 -1.30 -29.70 5.02
N GLN C 110 -1.47 -28.50 4.49
CA GLN C 110 -2.64 -28.22 3.62
C GLN C 110 -2.26 -28.57 2.17
N HIS C 111 -3.24 -28.95 1.35
CA HIS C 111 -3.05 -29.20 -0.09
C HIS C 111 -4.28 -28.75 -0.86
N PRO C 112 -4.77 -27.50 -0.67
CA PRO C 112 -5.95 -27.06 -1.40
C PRO C 112 -5.63 -26.94 -2.90
N GLU C 113 -6.61 -27.19 -3.74
CA GLU C 113 -6.45 -27.10 -5.21
C GLU C 113 -7.07 -25.80 -5.74
N ILE C 114 -7.72 -25.02 -4.86
CA ILE C 114 -8.47 -23.80 -5.25
C ILE C 114 -7.97 -22.63 -4.41
N LEU C 115 -7.66 -21.51 -5.09
CA LEU C 115 -7.56 -20.17 -4.46
C LEU C 115 -8.84 -19.43 -4.81
N TRP C 116 -9.54 -19.00 -3.78
CA TRP C 116 -10.76 -18.19 -3.87
C TRP C 116 -10.42 -16.75 -3.46
N ILE C 117 -10.70 -15.82 -4.35
CA ILE C 117 -10.68 -14.37 -4.06
C ILE C 117 -12.13 -13.88 -4.16
N GLY C 118 -12.72 -13.49 -3.03
CA GLY C 118 -14.13 -13.08 -3.00
C GLY C 118 -14.36 -11.86 -2.13
N CYS C 119 -15.61 -11.49 -1.98
CA CYS C 119 -16.00 -10.32 -1.18
C CYS C 119 -16.03 -10.75 0.30
N SER C 120 -15.68 -9.81 1.17
CA SER C 120 -15.81 -9.93 2.65
C SER C 120 -17.27 -10.08 3.08
N ASP C 121 -18.22 -9.73 2.21
CA ASP C 121 -19.67 -9.81 2.49
C ASP C 121 -19.97 -11.09 3.28
N SER C 122 -20.65 -10.97 4.42
CA SER C 122 -20.96 -12.08 5.36
C SER C 122 -21.78 -13.14 4.65
N ARG C 123 -22.45 -12.82 3.54
CA ARG C 123 -23.29 -13.79 2.81
C ARG C 123 -22.46 -14.68 1.85
N CYS C 124 -21.14 -14.49 1.72
CA CYS C 124 -20.31 -15.25 0.72
CA CYS C 124 -20.30 -15.22 0.73
C CYS C 124 -19.18 -16.05 1.38
N PRO C 125 -19.47 -16.94 2.36
CA PRO C 125 -18.45 -17.86 2.89
C PRO C 125 -18.13 -19.03 1.95
N GLU C 126 -16.93 -19.00 1.36
CA GLU C 126 -16.54 -19.82 0.19
C GLU C 126 -16.73 -21.32 0.50
N THR C 127 -16.28 -21.79 1.66
CA THR C 127 -16.21 -23.24 1.94
C THR C 127 -17.64 -23.76 2.12
N THR C 128 -18.50 -22.99 2.75
CA THR C 128 -19.93 -23.31 2.94
C THR C 128 -20.60 -23.37 1.56
N ILE C 129 -20.46 -22.33 0.72
CA ILE C 129 -21.31 -22.22 -0.49
C ILE C 129 -20.82 -23.21 -1.56
N LEU C 130 -19.58 -23.66 -1.47
CA LEU C 130 -19.02 -24.71 -2.38
C LEU C 130 -19.29 -26.12 -1.86
N GLY C 131 -19.91 -26.25 -0.69
CA GLY C 131 -20.15 -27.55 -0.03
C GLY C 131 -18.86 -28.28 0.23
N LEU C 132 -17.79 -27.60 0.62
CA LEU C 132 -16.45 -28.21 0.78
C LEU C 132 -16.06 -28.25 2.25
N LEU C 133 -14.86 -28.71 2.53
CA LEU C 133 -14.33 -28.93 3.90
C LEU C 133 -13.15 -28.01 4.15
N PRO C 134 -12.77 -27.82 5.43
CA PRO C 134 -11.48 -27.21 5.72
C PRO C 134 -10.41 -27.96 4.93
N GLY C 135 -9.43 -27.22 4.43
CA GLY C 135 -8.28 -27.72 3.62
C GLY C 135 -8.55 -27.63 2.14
N ASP C 136 -9.76 -27.29 1.71
CA ASP C 136 -10.11 -27.39 0.28
C ASP C 136 -9.90 -26.05 -0.44
N VAL C 137 -10.07 -24.91 0.25
CA VAL C 137 -10.08 -23.60 -0.43
C VAL C 137 -9.14 -22.61 0.28
N PHE C 138 -8.04 -22.26 -0.36
CA PHE C 138 -7.16 -21.16 0.08
C PHE C 138 -7.89 -19.85 -0.22
N THR C 139 -8.05 -18.98 0.78
CA THR C 139 -9.07 -17.90 0.70
C THR C 139 -8.51 -16.50 0.97
N HIS C 140 -8.82 -15.57 0.08
CA HIS C 140 -8.67 -14.12 0.29
C HIS C 140 -10.04 -13.44 0.07
N ARG C 141 -10.47 -12.66 1.03
CA ARG C 141 -11.75 -11.89 0.93
C ARG C 141 -11.46 -10.44 1.32
N ASN C 142 -11.96 -9.50 0.50
CA ASN C 142 -11.75 -8.05 0.69
C ASN C 142 -13.04 -7.35 0.24
N ILE C 143 -13.14 -6.06 0.45
CA ILE C 143 -14.35 -5.31 0.02
C ILE C 143 -14.45 -5.37 -1.50
N ALA C 144 -15.54 -5.96 -1.98
CA ALA C 144 -15.95 -5.99 -3.41
C ALA C 144 -14.93 -6.79 -4.23
N ASN C 145 -14.21 -7.72 -3.62
CA ASN C 145 -13.34 -8.68 -4.35
C ASN C 145 -12.53 -7.91 -5.39
N VAL C 146 -11.93 -6.79 -5.00
CA VAL C 146 -11.14 -5.91 -5.90
C VAL C 146 -9.69 -6.38 -5.92
N ILE C 147 -9.12 -6.49 -7.11
CA ILE C 147 -7.67 -6.76 -7.26
C ILE C 147 -6.99 -5.47 -7.68
N HIS C 148 -6.37 -4.76 -6.73
CA HIS C 148 -5.46 -3.62 -7.03
C HIS C 148 -4.16 -4.25 -7.50
N PRO C 149 -3.66 -3.93 -8.71
CA PRO C 149 -2.47 -4.61 -9.24
C PRO C 149 -1.27 -4.65 -8.25
N ALA C 150 -1.03 -3.58 -7.51
CA ALA C 150 0.14 -3.42 -6.64
C ALA C 150 -0.19 -3.61 -5.16
N ASP C 151 -1.37 -4.18 -4.84
CA ASP C 151 -1.81 -4.51 -3.46
C ASP C 151 -0.95 -5.66 -2.93
N LEU C 152 -0.24 -5.49 -1.81
CA LEU C 152 0.60 -6.58 -1.24
C LEU C 152 -0.26 -7.67 -0.63
N SER C 153 -1.42 -7.33 -0.09
CA SER C 153 -2.31 -8.30 0.61
C SER C 153 -2.76 -9.38 -0.37
N SER C 154 -3.38 -9.01 -1.50
CA SER C 154 -3.78 -9.97 -2.53
C SER C 154 -2.53 -10.51 -3.24
N GLY C 155 -1.53 -9.67 -3.47
CA GLY C 155 -0.28 -10.08 -4.12
C GLY C 155 0.41 -11.23 -3.41
N ALA C 156 0.51 -11.12 -2.08
CA ALA C 156 1.17 -12.16 -1.27
C ALA C 156 0.34 -13.45 -1.31
N VAL C 157 -0.99 -13.35 -1.24
CA VAL C 157 -1.78 -14.62 -1.28
C VAL C 157 -1.62 -15.29 -2.63
N ILE C 158 -1.61 -14.53 -3.72
CA ILE C 158 -1.51 -15.11 -5.08
C ILE C 158 -0.13 -15.77 -5.23
N GLU C 159 0.93 -15.09 -4.86
CA GLU C 159 2.31 -15.65 -4.92
C GLU C 159 2.34 -16.98 -4.16
N PHE C 160 1.86 -16.99 -2.91
CA PHE C 160 1.93 -18.21 -2.06
C PHE C 160 1.06 -19.33 -2.64
N ALA C 161 -0.20 -19.03 -2.99
CA ALA C 161 -1.15 -20.05 -3.47
C ALA C 161 -0.65 -20.63 -4.78
N VAL C 162 -0.15 -19.79 -5.69
CA VAL C 162 0.18 -20.26 -7.07
C VAL C 162 1.57 -20.91 -7.06
N ARG C 163 2.58 -20.26 -6.48
CA ARG C 163 3.96 -20.80 -6.58
C ARG C 163 4.19 -21.90 -5.53
N HIS C 164 3.72 -21.73 -4.29
CA HIS C 164 4.06 -22.67 -3.20
C HIS C 164 3.01 -23.78 -3.08
N LEU C 165 1.73 -23.47 -2.95
CA LEU C 165 0.71 -24.53 -2.77
C LEU C 165 0.43 -25.17 -4.12
N ARG C 166 0.74 -24.49 -5.22
CA ARG C 166 0.47 -24.97 -6.60
C ARG C 166 -1.01 -25.27 -6.77
N VAL C 167 -1.88 -24.32 -6.41
CA VAL C 167 -3.33 -24.51 -6.66
C VAL C 167 -3.51 -24.71 -8.17
N LYS C 168 -4.52 -25.47 -8.54
CA LYS C 168 -4.83 -25.76 -9.98
C LYS C 168 -5.83 -24.74 -10.48
N HIS C 169 -6.55 -24.06 -9.58
CA HIS C 169 -7.64 -23.12 -9.96
C HIS C 169 -7.56 -21.84 -9.13
N VAL C 170 -7.61 -20.69 -9.80
CA VAL C 170 -7.82 -19.40 -9.12
C VAL C 170 -9.20 -18.89 -9.52
N VAL C 171 -10.04 -18.65 -8.52
CA VAL C 171 -11.45 -18.21 -8.73
C VAL C 171 -11.55 -16.78 -8.23
N ILE C 172 -12.05 -15.87 -9.05
CA ILE C 172 -12.49 -14.54 -8.55
C ILE C 172 -14.01 -14.58 -8.53
N CYS C 173 -14.58 -14.40 -7.35
CA CYS C 173 -16.04 -14.47 -7.12
C CYS C 173 -16.59 -13.12 -6.70
N GLY C 174 -17.36 -12.46 -7.58
CA GLY C 174 -18.23 -11.32 -7.20
C GLY C 174 -19.57 -11.80 -6.73
N HIS C 175 -20.46 -10.88 -6.34
CA HIS C 175 -21.79 -11.32 -5.86
C HIS C 175 -22.87 -10.29 -6.16
N THR C 176 -24.12 -10.74 -6.20
CA THR C 176 -25.28 -9.85 -6.37
C THR C 176 -25.47 -9.08 -5.07
N LYS C 177 -25.97 -7.87 -5.14
CA LYS C 177 -26.23 -7.01 -3.96
C LYS C 177 -24.91 -6.67 -3.27
N CYS C 178 -23.83 -6.53 -4.03
CA CYS C 178 -22.52 -6.07 -3.49
C CYS C 178 -22.64 -4.54 -3.27
N GLY C 179 -22.71 -4.12 -2.01
CA GLY C 179 -22.82 -2.70 -1.65
C GLY C 179 -21.51 -1.96 -1.93
N GLY C 180 -20.38 -2.65 -1.99
CA GLY C 180 -19.11 -2.04 -2.44
C GLY C 180 -19.22 -1.58 -3.90
N VAL C 181 -19.73 -2.45 -4.76
CA VAL C 181 -19.97 -2.09 -6.19
C VAL C 181 -20.99 -0.92 -6.22
N ALA C 182 -22.07 -1.02 -5.46
CA ALA C 182 -23.11 0.04 -5.40
C ALA C 182 -22.49 1.38 -4.92
N ALA C 183 -21.60 1.36 -3.93
CA ALA C 183 -20.94 2.57 -3.40
C ALA C 183 -20.11 3.25 -4.50
N ALA C 184 -19.46 2.48 -5.37
CA ALA C 184 -18.63 3.04 -6.46
C ALA C 184 -19.52 3.73 -7.52
N LEU C 185 -20.78 3.35 -7.60
CA LEU C 185 -21.75 3.97 -8.54
C LEU C 185 -22.40 5.20 -7.90
N GLY C 186 -22.15 5.43 -6.60
CA GLY C 186 -22.59 6.62 -5.86
C GLY C 186 -21.46 7.64 -5.78
N ASN C 187 -21.70 8.78 -5.16
CA ASN C 187 -20.69 9.87 -5.06
C ASN C 187 -20.65 10.37 -3.60
N LYS C 188 -20.91 9.51 -2.63
CA LYS C 188 -20.72 9.82 -1.19
C LYS C 188 -19.24 9.58 -0.83
N GLY C 189 -18.60 10.52 -0.15
CA GLY C 189 -17.23 10.36 0.42
C GLY C 189 -17.26 9.35 1.56
N LEU C 190 -16.39 8.35 1.56
CA LEU C 190 -16.48 7.20 2.50
C LEU C 190 -15.17 6.98 3.27
N GLY C 191 -14.34 8.03 3.35
CA GLY C 191 -13.06 7.98 4.07
C GLY C 191 -12.10 6.97 3.44
N ILE C 192 -11.55 6.05 4.22
CA ILE C 192 -10.47 5.13 3.73
C ILE C 192 -11.02 4.19 2.65
N LEU C 193 -12.35 4.01 2.58
CA LEU C 193 -12.99 3.22 1.50
C LEU C 193 -12.80 3.88 0.12
N ASP C 194 -12.59 5.20 0.04
CA ASP C 194 -12.51 5.92 -1.28
C ASP C 194 -11.34 5.38 -2.10
N PRO C 195 -10.07 5.38 -1.60
CA PRO C 195 -8.98 4.86 -2.40
C PRO C 195 -9.18 3.36 -2.70
N TRP C 196 -9.76 2.61 -1.77
CA TRP C 196 -9.99 1.16 -1.94
C TRP C 196 -10.89 0.93 -3.17
N LEU C 197 -11.92 1.76 -3.36
CA LEU C 197 -12.93 1.54 -4.43
C LEU C 197 -12.51 2.16 -5.77
N ILE C 198 -11.34 2.81 -5.84
CA ILE C 198 -10.92 3.50 -7.09
C ILE C 198 -11.01 2.57 -8.31
N PRO C 199 -10.56 1.30 -8.27
CA PRO C 199 -10.64 0.45 -9.47
C PRO C 199 -12.08 0.28 -10.00
N LEU C 200 -13.09 0.29 -9.12
CA LEU C 200 -14.52 0.22 -9.52
C LEU C 200 -14.93 1.53 -10.17
N ARG C 201 -14.45 2.67 -9.66
CA ARG C 201 -14.74 3.99 -10.29
C ARG C 201 -13.97 4.11 -11.62
N GLN C 202 -12.81 3.47 -11.76
CA GLN C 202 -12.10 3.43 -13.07
C GLN C 202 -12.97 2.71 -14.10
N LEU C 203 -13.57 1.59 -13.73
CA LEU C 203 -14.49 0.81 -14.60
C LEU C 203 -15.75 1.63 -14.88
N ARG C 204 -16.28 2.31 -13.85
CA ARG C 204 -17.46 3.19 -14.04
C ARG C 204 -17.15 4.24 -15.13
N GLU C 205 -16.00 4.92 -15.05
CA GLU C 205 -15.60 5.95 -16.04
C GLU C 205 -15.47 5.29 -17.43
N GLN C 206 -14.78 4.16 -17.55
CA GLN C 206 -14.52 3.50 -18.85
C GLN C 206 -15.85 3.06 -19.47
N HIS C 207 -16.82 2.62 -18.66
CA HIS C 207 -18.06 1.98 -19.16
C HIS C 207 -19.28 2.86 -18.90
N LEU C 208 -19.07 4.18 -18.73
CA LEU C 208 -20.09 5.09 -18.18
C LEU C 208 -21.31 5.12 -19.09
N ALA C 209 -21.14 5.19 -20.41
CA ALA C 209 -22.29 5.27 -21.36
C ALA C 209 -23.16 4.00 -21.19
N GLU C 210 -22.54 2.82 -21.18
CA GLU C 210 -23.27 1.54 -20.97
C GLU C 210 -23.99 1.57 -19.61
N LEU C 211 -23.30 1.96 -18.53
CA LEU C 211 -23.89 1.93 -17.17
C LEU C 211 -25.04 2.94 -17.07
N GLN C 212 -24.91 4.13 -17.67
CA GLN C 212 -25.97 5.19 -17.64
C GLN C 212 -27.20 4.72 -18.45
N SER C 213 -27.04 3.80 -19.41
CA SER C 213 -28.16 3.28 -20.25
C SER C 213 -28.96 2.20 -19.49
N LEU C 214 -28.53 1.80 -18.29
CA LEU C 214 -29.18 0.73 -17.50
C LEU C 214 -29.93 1.37 -16.33
N SER C 215 -30.83 0.63 -15.70
CA SER C 215 -31.43 1.02 -14.40
C SER C 215 -30.32 0.98 -13.33
N ARG C 216 -30.57 1.57 -12.16
CA ARG C 216 -29.56 1.57 -11.07
C ARG C 216 -29.26 0.12 -10.70
N ASP C 217 -30.26 -0.72 -10.53
CA ASP C 217 -30.05 -2.12 -10.07
C ASP C 217 -29.29 -2.92 -11.14
N GLU C 218 -29.60 -2.71 -12.41
CA GLU C 218 -28.92 -3.39 -13.52
C GLU C 218 -27.46 -2.91 -13.62
N ALA C 219 -27.19 -1.64 -13.35
CA ALA C 219 -25.80 -1.08 -13.41
C ALA C 219 -24.95 -1.74 -12.32
N VAL C 220 -25.52 -1.98 -11.14
CA VAL C 220 -24.80 -2.67 -10.04
C VAL C 220 -24.42 -4.09 -10.52
N VAL C 221 -25.33 -4.82 -11.17
CA VAL C 221 -25.02 -6.20 -11.62
C VAL C 221 -23.91 -6.10 -12.67
N ARG C 222 -24.07 -5.19 -13.64
CA ARG C 222 -23.10 -5.05 -14.75
C ARG C 222 -21.71 -4.66 -14.19
N LEU C 223 -21.63 -3.66 -13.32
CA LEU C 223 -20.33 -3.25 -12.73
C LEU C 223 -19.71 -4.41 -11.93
N ALA C 224 -20.53 -5.25 -11.25
CA ALA C 224 -20.04 -6.41 -10.48
C ALA C 224 -19.38 -7.40 -11.45
N GLU C 225 -19.96 -7.57 -12.63
CA GLU C 225 -19.42 -8.48 -13.67
C GLU C 225 -18.12 -7.90 -14.23
N LEU C 226 -18.13 -6.62 -14.59
CA LEU C 226 -16.92 -5.92 -15.13
C LEU C 226 -15.76 -6.01 -14.12
N ASN C 227 -16.08 -5.89 -12.85
CA ASN C 227 -15.08 -5.96 -11.74
C ASN C 227 -14.44 -7.35 -11.70
N VAL C 228 -15.23 -8.41 -11.83
CA VAL C 228 -14.68 -9.79 -11.87
C VAL C 228 -13.75 -9.91 -13.08
N LYS C 229 -14.22 -9.46 -14.23
CA LYS C 229 -13.44 -9.61 -15.48
C LYS C 229 -12.17 -8.79 -15.37
N GLU C 230 -12.24 -7.58 -14.81
CA GLU C 230 -11.03 -6.74 -14.66
C GLU C 230 -10.08 -7.43 -13.66
N GLY C 231 -10.63 -8.06 -12.63
CA GLY C 231 -9.79 -8.81 -11.67
C GLY C 231 -9.04 -9.94 -12.38
N LEU C 232 -9.68 -10.64 -13.30
CA LEU C 232 -9.04 -11.77 -14.01
C LEU C 232 -7.89 -11.23 -14.88
N LYS C 233 -8.07 -10.05 -15.46
CA LYS C 233 -7.00 -9.33 -16.21
C LYS C 233 -5.86 -9.00 -15.24
N ALA C 234 -6.13 -8.36 -14.11
CA ALA C 234 -5.07 -8.02 -13.13
C ALA C 234 -4.33 -9.31 -12.71
N LEU C 235 -5.06 -10.40 -12.52
CA LEU C 235 -4.49 -11.69 -12.07
C LEU C 235 -3.52 -12.23 -13.13
N THR C 236 -3.88 -12.13 -14.42
CA THR C 236 -3.07 -12.65 -15.53
C THR C 236 -1.96 -11.66 -15.88
N GLN C 237 -1.93 -10.48 -15.28
CA GLN C 237 -0.78 -9.56 -15.44
C GLN C 237 0.33 -9.97 -14.46
N LYS C 238 0.19 -11.03 -13.69
CA LYS C 238 1.22 -11.38 -12.69
C LYS C 238 2.04 -12.53 -13.27
N SER C 239 3.36 -12.40 -13.34
CA SER C 239 4.26 -13.42 -13.92
C SER C 239 4.02 -14.77 -13.25
N VAL C 240 3.81 -14.82 -11.93
CA VAL C 240 3.63 -16.13 -11.21
C VAL C 240 2.42 -16.87 -11.79
N VAL C 241 1.36 -16.13 -12.15
CA VAL C 241 0.13 -16.74 -12.71
C VAL C 241 0.42 -17.14 -14.16
N LEU C 242 1.03 -16.25 -14.96
CA LEU C 242 1.32 -16.53 -16.39
C LEU C 242 2.23 -17.78 -16.45
N GLU C 243 3.24 -17.85 -15.60
CA GLU C 243 4.18 -18.99 -15.53
C GLU C 243 3.40 -20.29 -15.27
N ALA C 244 2.53 -20.30 -14.26
CA ALA C 244 1.75 -21.49 -13.86
C ALA C 244 0.79 -21.88 -14.98
N MET C 245 0.18 -20.91 -15.66
CA MET C 245 -0.76 -21.22 -16.78
C MET C 245 0.00 -21.95 -17.89
N GLN C 246 1.18 -21.47 -18.25
CA GLN C 246 2.03 -22.04 -19.33
C GLN C 246 2.64 -23.38 -18.89
N GLU C 247 3.18 -23.45 -17.68
CA GLU C 247 4.02 -24.60 -17.21
C GLU C 247 3.11 -25.77 -16.77
N ARG C 248 1.95 -25.52 -16.13
CA ARG C 248 1.19 -26.61 -15.47
C ARG C 248 -0.31 -26.46 -15.66
N GLY C 249 -0.77 -25.63 -16.59
CA GLY C 249 -2.19 -25.51 -16.96
C GLY C 249 -3.04 -24.98 -15.80
N LEU C 250 -2.49 -24.13 -14.95
CA LEU C 250 -3.32 -23.40 -13.94
C LEU C 250 -4.48 -22.77 -14.72
N GLN C 251 -5.69 -22.84 -14.17
CA GLN C 251 -6.89 -22.21 -14.77
C GLN C 251 -7.37 -21.08 -13.86
N VAL C 252 -7.92 -20.04 -14.48
CA VAL C 252 -8.53 -18.90 -13.75
C VAL C 252 -10.00 -18.82 -14.13
N HIS C 253 -10.86 -18.43 -13.20
CA HIS C 253 -12.32 -18.49 -13.37
C HIS C 253 -12.94 -17.25 -12.74
N GLY C 254 -13.94 -16.68 -13.41
CA GLY C 254 -14.78 -15.61 -12.85
C GLY C 254 -16.15 -16.13 -12.52
N LEU C 255 -16.62 -15.87 -11.30
CA LEU C 255 -17.97 -16.28 -10.85
C LEU C 255 -18.75 -15.08 -10.34
N ILE C 256 -20.06 -15.17 -10.40
CA ILE C 256 -20.99 -14.31 -9.60
C ILE C 256 -21.80 -15.23 -8.71
N TYR C 257 -21.78 -14.96 -7.40
CA TYR C 257 -22.63 -15.62 -6.39
C TYR C 257 -23.94 -14.85 -6.27
N ASP C 258 -25.06 -15.56 -6.41
CA ASP C 258 -26.40 -14.97 -6.19
C ASP C 258 -26.77 -15.15 -4.73
N VAL C 259 -26.75 -14.10 -3.93
CA VAL C 259 -26.97 -14.18 -2.46
C VAL C 259 -28.42 -14.61 -2.18
N GLY C 260 -29.31 -14.48 -3.15
CA GLY C 260 -30.74 -14.82 -2.97
C GLY C 260 -31.05 -16.29 -3.26
N SER C 261 -30.29 -16.93 -4.13
CA SER C 261 -30.54 -18.33 -4.58
C SER C 261 -29.48 -19.28 -4.03
N GLY C 262 -28.28 -18.78 -3.76
CA GLY C 262 -27.15 -19.62 -3.33
C GLY C 262 -26.37 -20.19 -4.50
N PHE C 263 -26.74 -19.86 -5.72
CA PHE C 263 -26.07 -20.41 -6.92
C PHE C 263 -24.91 -19.53 -7.38
N LEU C 264 -23.80 -20.17 -7.73
CA LEU C 264 -22.68 -19.59 -8.48
C LEU C 264 -22.97 -19.71 -9.98
N ARG C 265 -22.74 -18.63 -10.74
CA ARG C 265 -22.77 -18.68 -12.23
C ARG C 265 -21.42 -18.22 -12.77
N GLN C 266 -20.96 -18.88 -13.81
CA GLN C 266 -19.67 -18.59 -14.48
C GLN C 266 -19.84 -17.41 -15.44
N LEU C 267 -18.91 -16.49 -15.45
CA LEU C 267 -18.80 -15.43 -16.49
C LEU C 267 -17.97 -15.98 -17.64
N ASP C 268 -18.42 -15.69 -18.87
CA ASP C 268 -17.81 -16.17 -20.16
C ASP C 268 -16.35 -15.72 -20.27
N ALA C 269 -16.03 -14.50 -19.84
CA ALA C 269 -14.67 -13.93 -19.64
C ALA C 269 -13.70 -14.29 -20.78
N ALA C 270 -14.16 -14.43 -22.03
CA ALA C 270 -13.32 -14.60 -23.22
C ALA C 270 -12.57 -13.28 -23.46
N GLU C 271 -11.32 -13.35 -23.90
CA GLU C 271 -10.51 -12.18 -24.37
C GLU C 271 -9.93 -12.50 -25.74
N PRO C 272 -10.01 -11.58 -26.74
CA PRO C 272 -9.26 -11.72 -27.99
C PRO C 272 -7.84 -12.28 -27.79
N GLU C 273 -7.36 -13.07 -28.76
CA GLU C 273 -6.06 -13.79 -28.66
C GLU C 273 -4.95 -12.76 -28.46
N GLU C 274 -5.01 -11.67 -29.23
CA GLU C 274 -3.94 -10.62 -29.28
C GLU C 274 -3.78 -9.97 -27.90
N ALA C 275 -4.84 -10.00 -27.08
CA ALA C 275 -4.86 -9.47 -25.69
C ALA C 275 -3.89 -10.29 -24.82
N LEU C 276 -3.99 -11.61 -24.83
CA LEU C 276 -3.19 -12.50 -23.95
C LEU C 276 -1.72 -12.53 -24.41
N LYS C 277 -1.48 -12.38 -25.71
CA LYS C 277 -0.12 -12.34 -26.30
C LYS C 277 0.61 -11.11 -25.79
N ALA C 278 -0.02 -9.93 -25.88
CA ALA C 278 0.53 -8.64 -25.41
C ALA C 278 0.80 -8.74 -23.90
N ARG C 279 -0.08 -9.40 -23.14
CA ARG C 279 0.06 -9.52 -21.66
C ARG C 279 1.30 -10.38 -21.35
N LEU C 280 1.43 -11.52 -22.04
CA LEU C 280 2.59 -12.42 -21.88
C LEU C 280 3.87 -11.62 -22.14
N THR C 281 3.94 -10.91 -23.28
CA THR C 281 5.11 -10.12 -23.72
C THR C 281 5.44 -9.09 -22.64
N SER C 282 4.41 -8.43 -22.10
CA SER C 282 4.58 -7.21 -21.26
C SER C 282 4.89 -7.61 -19.81
N PHE C 283 4.44 -8.78 -19.34
CA PHE C 283 4.45 -9.11 -17.88
C PHE C 283 5.22 -10.40 -17.54
N LYS C 284 5.43 -11.33 -18.46
CA LYS C 284 6.12 -12.57 -18.06
C LYS C 284 7.61 -12.27 -17.85
N THR C 285 8.16 -12.66 -16.70
CA THR C 285 9.59 -12.48 -16.31
C THR C 285 10.44 -13.52 -17.02
N ASP C 286 11.67 -13.17 -17.36
CA ASP C 286 12.67 -14.12 -17.91
C ASP C 286 13.28 -14.86 -16.73
N ASP D 79 -11.83 -32.82 -12.22
CA ASP D 79 -11.73 -31.35 -12.14
C ASP D 79 -12.39 -30.87 -10.84
N LYS D 80 -11.57 -30.43 -9.87
CA LYS D 80 -11.99 -29.96 -8.54
C LYS D 80 -12.93 -28.74 -8.65
N PHE D 81 -12.70 -27.91 -9.66
CA PHE D 81 -13.49 -26.67 -9.88
C PHE D 81 -14.90 -27.04 -10.35
N SER D 82 -15.04 -27.82 -11.41
CA SER D 82 -16.39 -28.26 -11.89
C SER D 82 -17.06 -29.10 -10.81
N ALA D 83 -16.32 -29.89 -10.03
CA ALA D 83 -16.90 -30.68 -8.92
C ALA D 83 -17.45 -29.73 -7.85
N ALA D 84 -16.74 -28.62 -7.59
CA ALA D 84 -17.13 -27.64 -6.56
C ALA D 84 -18.39 -26.92 -7.01
N LEU D 85 -18.50 -26.56 -8.31
CA LEU D 85 -19.71 -25.88 -8.83
C LEU D 85 -20.92 -26.82 -8.67
N ALA D 86 -20.76 -28.12 -8.93
CA ALA D 86 -21.86 -29.11 -8.76
C ALA D 86 -22.26 -29.18 -7.28
N LYS D 87 -21.29 -29.20 -6.37
CA LYS D 87 -21.57 -29.27 -4.92
C LYS D 87 -22.22 -27.98 -4.46
N ASN D 88 -21.85 -26.84 -5.05
CA ASN D 88 -22.53 -25.55 -4.74
C ASN D 88 -24.03 -25.71 -5.06
N LYS D 89 -24.36 -26.20 -6.25
CA LYS D 89 -25.77 -26.26 -6.69
C LYS D 89 -26.55 -27.17 -5.75
N GLU D 90 -25.93 -28.28 -5.33
CA GLU D 90 -26.52 -29.25 -4.38
C GLU D 90 -26.74 -28.58 -3.03
N TRP D 91 -25.76 -27.80 -2.56
CA TRP D 91 -25.87 -27.06 -1.28
C TRP D 91 -27.01 -26.06 -1.38
N ALA D 92 -27.09 -25.26 -2.45
CA ALA D 92 -28.14 -24.22 -2.60
C ALA D 92 -29.53 -24.88 -2.63
N ALA D 93 -29.67 -26.01 -3.31
CA ALA D 93 -30.99 -26.71 -3.39
C ALA D 93 -31.36 -27.24 -2.00
N LYS D 94 -30.41 -27.85 -1.31
CA LYS D 94 -30.60 -28.37 0.07
C LYS D 94 -30.97 -27.20 0.99
N CYS D 95 -30.28 -26.05 0.89
CA CYS D 95 -30.47 -24.88 1.77
C CYS D 95 -31.91 -24.39 1.58
N SER D 96 -32.44 -24.40 0.35
CA SER D 96 -33.85 -24.04 0.11
C SER D 96 -34.79 -25.03 0.82
N GLN D 97 -34.42 -26.29 1.05
CA GLN D 97 -35.23 -27.27 1.82
C GLN D 97 -35.08 -27.07 3.34
N GLU D 98 -33.85 -27.10 3.88
CA GLU D 98 -33.51 -27.03 5.33
C GLU D 98 -33.70 -25.67 6.03
N HIS D 99 -33.34 -24.57 5.38
CA HIS D 99 -33.58 -23.22 5.93
C HIS D 99 -34.25 -22.49 4.76
N PRO D 100 -35.52 -22.80 4.44
CA PRO D 100 -36.15 -22.33 3.21
C PRO D 100 -36.12 -20.82 3.07
N GLU D 101 -36.26 -20.10 4.17
CA GLU D 101 -36.27 -18.61 4.17
C GLU D 101 -34.89 -18.00 4.42
N LEU D 102 -33.84 -18.75 4.72
CA LEU D 102 -32.56 -18.04 5.03
C LEU D 102 -32.03 -17.24 3.84
N LEU D 103 -31.94 -17.85 2.65
CA LEU D 103 -31.33 -17.14 1.49
C LEU D 103 -32.15 -15.93 1.12
N PRO D 104 -33.50 -16.01 1.08
CA PRO D 104 -34.32 -14.84 0.78
C PRO D 104 -34.13 -13.70 1.80
N THR D 105 -34.03 -14.01 3.09
CA THR D 105 -33.79 -12.93 4.08
C THR D 105 -32.41 -12.31 3.84
N LEU D 106 -31.43 -13.15 3.48
CA LEU D 106 -30.05 -12.71 3.20
C LEU D 106 -30.06 -11.78 1.98
N ALA D 107 -30.89 -12.05 0.98
CA ALA D 107 -30.93 -11.21 -0.23
C ALA D 107 -31.33 -9.77 0.09
N VAL D 108 -32.21 -9.55 1.07
CA VAL D 108 -32.64 -8.17 1.41
C VAL D 108 -31.57 -7.39 2.20
N GLY D 109 -30.54 -8.06 2.72
CA GLY D 109 -29.45 -7.33 3.39
C GLY D 109 -28.67 -8.17 4.38
N GLN D 110 -27.56 -7.66 4.87
CA GLN D 110 -26.72 -8.42 5.82
C GLN D 110 -26.63 -7.64 7.13
N HIS D 111 -26.64 -8.35 8.24
CA HIS D 111 -26.43 -7.69 9.54
C HIS D 111 -25.60 -8.62 10.42
N PRO D 112 -24.36 -8.98 10.01
CA PRO D 112 -23.50 -9.80 10.84
C PRO D 112 -23.11 -9.04 12.11
N GLU D 113 -22.97 -9.76 13.21
CA GLU D 113 -22.54 -9.13 14.47
C GLU D 113 -21.03 -9.34 14.67
N ILE D 114 -20.39 -10.11 13.79
CA ILE D 114 -18.94 -10.43 13.93
C ILE D 114 -18.13 -10.07 12.68
N LEU D 115 -16.99 -9.41 12.90
CA LEU D 115 -15.97 -9.18 11.86
C LEU D 115 -14.83 -10.14 12.20
N TRP D 116 -14.48 -10.98 11.26
CA TRP D 116 -13.39 -11.96 11.45
C TRP D 116 -12.20 -11.60 10.56
N ILE D 117 -11.06 -11.42 11.18
CA ILE D 117 -9.77 -11.25 10.46
C ILE D 117 -8.95 -12.50 10.78
N GLY D 118 -8.70 -13.32 9.77
CA GLY D 118 -7.98 -14.58 9.95
C GLY D 118 -7.00 -14.86 8.86
N CYS D 119 -6.39 -16.04 8.92
CA CYS D 119 -5.42 -16.45 7.91
C CYS D 119 -6.15 -17.00 6.68
N SER D 120 -5.54 -16.81 5.53
CA SER D 120 -5.99 -17.38 4.22
C SER D 120 -5.87 -18.91 4.23
N ASP D 121 -5.07 -19.46 5.15
CA ASP D 121 -4.84 -20.92 5.27
C ASP D 121 -6.16 -21.66 4.99
N SER D 122 -6.16 -22.63 4.07
CA SER D 122 -7.35 -23.38 3.64
C SER D 122 -7.99 -24.12 4.84
N ARG D 123 -7.24 -24.33 5.91
CA ARG D 123 -7.76 -25.07 7.09
C ARG D 123 -8.52 -24.15 8.05
N CYS D 124 -8.64 -22.83 7.79
CA CYS D 124 -9.32 -21.88 8.72
CA CYS D 124 -9.33 -21.90 8.75
C CYS D 124 -10.52 -21.18 8.09
N PRO D 125 -11.53 -21.91 7.55
CA PRO D 125 -12.79 -21.29 7.12
C PRO D 125 -13.71 -20.91 8.30
N GLU D 126 -13.82 -19.61 8.55
CA GLU D 126 -14.41 -19.00 9.77
C GLU D 126 -15.84 -19.52 9.98
N THR D 127 -16.67 -19.53 8.96
CA THR D 127 -18.11 -19.80 9.13
C THR D 127 -18.29 -21.29 9.48
N THR D 128 -17.50 -22.17 8.88
CA THR D 128 -17.50 -23.61 9.16
C THR D 128 -17.04 -23.83 10.61
N ILE D 129 -15.90 -23.28 11.03
CA ILE D 129 -15.29 -23.68 12.34
C ILE D 129 -16.09 -23.04 13.49
N LEU D 130 -16.85 -21.97 13.22
CA LEU D 130 -17.73 -21.32 14.22
C LEU D 130 -19.12 -21.98 14.26
N GLY D 131 -19.38 -22.93 13.37
CA GLY D 131 -20.71 -23.58 13.28
C GLY D 131 -21.79 -22.57 12.95
N LEU D 132 -21.49 -21.58 12.09
CA LEU D 132 -22.43 -20.47 11.81
C LEU D 132 -22.92 -20.60 10.36
N LEU D 133 -23.72 -19.65 9.92
CA LEU D 133 -24.35 -19.64 8.59
C LEU D 133 -23.86 -18.43 7.79
N PRO D 134 -24.06 -18.45 6.46
CA PRO D 134 -23.93 -17.24 5.67
C PRO D 134 -24.74 -16.13 6.33
N GLY D 135 -24.20 -14.91 6.33
CA GLY D 135 -24.77 -13.70 6.96
C GLY D 135 -24.26 -13.47 8.36
N ASP D 136 -23.52 -14.41 8.93
CA ASP D 136 -23.13 -14.31 10.36
C ASP D 136 -21.77 -13.62 10.55
N VAL D 137 -20.84 -13.80 9.61
CA VAL D 137 -19.43 -13.39 9.84
C VAL D 137 -18.93 -12.57 8.65
N PHE D 138 -18.73 -11.27 8.86
CA PHE D 138 -18.05 -10.42 7.86
C PHE D 138 -16.55 -10.79 7.93
N THR D 139 -15.94 -11.11 6.81
CA THR D 139 -14.65 -11.83 6.79
C THR D 139 -13.55 -11.14 5.97
N HIS D 140 -12.37 -11.04 6.57
CA HIS D 140 -11.11 -10.71 5.86
C HIS D 140 -10.08 -11.80 6.18
N ARG D 141 -9.46 -12.36 5.18
CA ARG D 141 -8.40 -13.38 5.35
C ARG D 141 -7.20 -12.97 4.49
N ASN D 142 -6.00 -13.04 5.08
CA ASN D 142 -4.75 -12.68 4.41
C ASN D 142 -3.67 -13.62 4.92
N ILE D 143 -2.48 -13.55 4.37
CA ILE D 143 -1.36 -14.41 4.83
C ILE D 143 -1.03 -14.07 6.29
N ALA D 144 -1.21 -15.02 7.18
CA ALA D 144 -0.80 -14.97 8.61
C ALA D 144 -1.58 -13.90 9.36
N ASN D 145 -2.79 -13.57 8.88
CA ASN D 145 -3.73 -12.69 9.62
C ASN D 145 -2.96 -11.47 10.15
N VAL D 146 -2.16 -10.84 9.29
CA VAL D 146 -1.30 -9.69 9.67
C VAL D 146 -2.09 -8.40 9.46
N ILE D 147 -2.07 -7.52 10.45
CA ILE D 147 -2.65 -6.16 10.30
C ILE D 147 -1.51 -5.16 10.12
N HIS D 148 -1.23 -4.77 8.88
CA HIS D 148 -0.33 -3.64 8.57
C HIS D 148 -1.14 -2.40 8.86
N PRO D 149 -0.68 -1.48 9.73
CA PRO D 149 -1.52 -0.36 10.14
C PRO D 149 -2.06 0.46 8.96
N ALA D 150 -1.30 0.67 7.90
CA ALA D 150 -1.72 1.54 6.77
C ALA D 150 -2.13 0.71 5.54
N ASP D 151 -2.43 -0.58 5.71
CA ASP D 151 -2.96 -1.46 4.63
C ASP D 151 -4.39 -1.03 4.29
N LEU D 152 -4.71 -0.69 3.03
CA LEU D 152 -6.08 -0.28 2.64
C LEU D 152 -7.02 -1.49 2.62
N SER D 153 -6.51 -2.67 2.32
CA SER D 153 -7.34 -3.90 2.23
C SER D 153 -8.01 -4.18 3.61
N SER D 154 -7.23 -4.34 4.65
CA SER D 154 -7.78 -4.57 6.02
C SER D 154 -8.43 -3.26 6.53
N GLY D 155 -7.85 -2.11 6.18
CA GLY D 155 -8.38 -0.81 6.58
C GLY D 155 -9.82 -0.61 6.12
N ALA D 156 -10.07 -0.89 4.86
CA ALA D 156 -11.41 -0.73 4.25
C ALA D 156 -12.38 -1.68 4.94
N VAL D 157 -11.97 -2.94 5.17
CA VAL D 157 -12.96 -3.88 5.79
C VAL D 157 -13.29 -3.42 7.21
N ILE D 158 -12.32 -2.94 7.98
CA ILE D 158 -12.55 -2.50 9.38
C ILE D 158 -13.48 -1.29 9.37
N GLU D 159 -13.20 -0.30 8.53
CA GLU D 159 -14.04 0.91 8.42
C GLU D 159 -15.49 0.48 8.12
N PHE D 160 -15.68 -0.36 7.10
CA PHE D 160 -17.04 -0.78 6.66
C PHE D 160 -17.74 -1.59 7.75
N ALA D 161 -17.07 -2.59 8.29
CA ALA D 161 -17.68 -3.51 9.28
C ALA D 161 -18.03 -2.74 10.55
N VAL D 162 -17.15 -1.85 11.02
CA VAL D 162 -17.33 -1.20 12.34
C VAL D 162 -18.27 0.01 12.17
N ARG D 163 -18.06 0.88 11.19
CA ARG D 163 -18.87 2.12 11.09
C ARG D 163 -20.22 1.82 10.41
N HIS D 164 -20.26 1.02 9.34
CA HIS D 164 -21.50 0.86 8.53
C HIS D 164 -22.31 -0.34 9.04
N LEU D 165 -21.73 -1.53 9.15
CA LEU D 165 -22.52 -2.71 9.59
C LEU D 165 -22.72 -2.65 11.09
N ARG D 166 -21.86 -1.91 11.81
CA ARG D 166 -21.91 -1.80 13.29
C ARG D 166 -21.79 -3.20 13.91
N VAL D 167 -20.78 -3.97 13.51
CA VAL D 167 -20.54 -5.28 14.16
C VAL D 167 -20.30 -5.02 15.64
N LYS D 168 -20.70 -5.98 16.47
CA LYS D 168 -20.52 -5.89 17.94
C LYS D 168 -19.17 -6.46 18.35
N HIS D 169 -18.56 -7.27 17.49
CA HIS D 169 -17.32 -8.00 17.82
C HIS D 169 -16.34 -7.95 16.64
N VAL D 170 -15.09 -7.71 16.96
CA VAL D 170 -14.00 -7.86 15.97
C VAL D 170 -13.11 -8.98 16.48
N VAL D 171 -12.92 -10.01 15.69
CA VAL D 171 -12.09 -11.16 16.12
C VAL D 171 -10.83 -11.25 15.26
N ILE D 172 -9.67 -11.30 15.89
CA ILE D 172 -8.43 -11.57 15.13
C ILE D 172 -8.05 -13.02 15.47
N CYS D 173 -8.06 -13.89 14.46
CA CYS D 173 -7.79 -15.32 14.69
C CYS D 173 -6.49 -15.78 14.03
N GLY D 174 -5.51 -16.11 14.85
CA GLY D 174 -4.27 -16.76 14.44
C GLY D 174 -4.46 -18.28 14.44
N HIS D 175 -3.50 -19.05 13.94
CA HIS D 175 -3.70 -20.52 13.94
C HIS D 175 -2.41 -21.30 14.11
N THR D 176 -2.52 -22.53 14.61
CA THR D 176 -1.36 -23.43 14.79
C THR D 176 -0.91 -23.91 13.41
N LYS D 177 0.38 -24.19 13.25
CA LYS D 177 0.98 -24.60 11.97
C LYS D 177 0.78 -23.51 10.91
N CYS D 178 0.89 -22.25 11.29
CA CYS D 178 0.79 -21.17 10.29
C CYS D 178 2.16 -21.03 9.63
N GLY D 179 2.23 -21.42 8.35
CA GLY D 179 3.50 -21.39 7.60
C GLY D 179 3.95 -19.95 7.32
N GLY D 180 3.03 -18.97 7.34
CA GLY D 180 3.43 -17.55 7.25
C GLY D 180 4.28 -17.16 8.45
N VAL D 181 3.82 -17.48 9.65
CA VAL D 181 4.57 -17.23 10.91
C VAL D 181 5.90 -18.01 10.82
N ALA D 182 5.87 -19.28 10.41
CA ALA D 182 7.10 -20.11 10.29
C ALA D 182 8.08 -19.47 9.29
N ALA D 183 7.60 -18.94 8.17
CA ALA D 183 8.49 -18.30 7.16
C ALA D 183 9.19 -17.09 7.77
N ALA D 184 8.55 -16.34 8.65
CA ALA D 184 9.13 -15.14 9.30
C ALA D 184 10.25 -15.55 10.28
N LEU D 185 10.19 -16.79 10.78
CA LEU D 185 11.22 -17.32 11.70
C LEU D 185 12.38 -17.92 10.89
N GLY D 186 12.23 -18.03 9.57
CA GLY D 186 13.30 -18.47 8.65
C GLY D 186 13.97 -17.27 7.99
N ASN D 187 14.95 -17.53 7.14
CA ASN D 187 15.73 -16.45 6.48
C ASN D 187 15.85 -16.75 4.99
N LYS D 188 14.83 -17.34 4.39
CA LYS D 188 14.75 -17.51 2.92
C LYS D 188 14.07 -16.25 2.36
N GLY D 189 14.64 -15.66 1.31
CA GLY D 189 14.00 -14.65 0.46
C GLY D 189 12.80 -15.24 -0.26
N LEU D 190 11.64 -14.58 -0.22
CA LEU D 190 10.37 -15.17 -0.73
C LEU D 190 9.66 -14.20 -1.69
N GLY D 191 10.40 -13.26 -2.26
CA GLY D 191 9.88 -12.29 -3.24
C GLY D 191 8.84 -11.37 -2.60
N ILE D 192 7.64 -11.25 -3.19
CA ILE D 192 6.64 -10.24 -2.75
C ILE D 192 6.16 -10.58 -1.33
N LEU D 193 6.34 -11.82 -0.88
CA LEU D 193 6.00 -12.23 0.51
C LEU D 193 6.88 -11.50 1.54
N ASP D 194 8.09 -11.04 1.17
CA ASP D 194 9.05 -10.46 2.16
C ASP D 194 8.45 -9.21 2.79
N PRO D 195 8.02 -8.18 2.02
CA PRO D 195 7.46 -6.99 2.66
C PRO D 195 6.18 -7.32 3.43
N TRP D 196 5.38 -8.28 2.95
CA TRP D 196 4.12 -8.67 3.63
C TRP D 196 4.44 -9.19 5.04
N LEU D 197 5.51 -9.95 5.22
CA LEU D 197 5.81 -10.62 6.51
C LEU D 197 6.62 -9.73 7.44
N ILE D 198 6.96 -8.50 7.03
CA ILE D 198 7.80 -7.62 7.87
C ILE D 198 7.24 -7.50 9.30
N PRO D 199 5.93 -7.31 9.55
CA PRO D 199 5.45 -7.16 10.92
C PRO D 199 5.77 -8.36 11.82
N LEU D 200 5.80 -9.56 11.26
CA LEU D 200 6.15 -10.81 11.98
C LEU D 200 7.65 -10.79 12.30
N ARG D 201 8.48 -10.29 11.37
CA ARG D 201 9.95 -10.18 11.61
C ARG D 201 10.20 -9.06 12.63
N GLN D 202 9.36 -8.02 12.68
CA GLN D 202 9.50 -6.96 13.71
C GLN D 202 9.30 -7.59 15.11
N LEU D 203 8.29 -8.44 15.25
CA LEU D 203 7.98 -9.16 16.51
C LEU D 203 9.11 -10.13 16.82
N ARG D 204 9.63 -10.83 15.80
CA ARG D 204 10.76 -11.76 15.97
C ARG D 204 11.95 -10.99 16.57
N GLU D 205 12.31 -9.82 16.02
CA GLU D 205 13.44 -9.00 16.55
C GLU D 205 13.13 -8.59 17.99
N GLN D 206 11.94 -8.08 18.28
CA GLN D 206 11.59 -7.57 19.63
C GLN D 206 11.66 -8.70 20.64
N HIS D 207 11.29 -9.93 20.26
CA HIS D 207 11.11 -11.06 21.21
C HIS D 207 12.16 -12.14 20.93
N LEU D 208 13.29 -11.79 20.32
CA LEU D 208 14.24 -12.77 19.75
C LEU D 208 14.80 -13.69 20.85
N ALA D 209 15.15 -13.13 22.01
CA ALA D 209 15.73 -13.93 23.14
C ALA D 209 14.71 -15.01 23.53
N GLU D 210 13.45 -14.61 23.75
CA GLU D 210 12.36 -15.57 24.11
C GLU D 210 12.21 -16.61 23.01
N LEU D 211 12.14 -16.20 21.72
CA LEU D 211 11.87 -17.13 20.60
C LEU D 211 13.04 -18.12 20.45
N GLN D 212 14.29 -17.65 20.60
CA GLN D 212 15.49 -18.51 20.46
C GLN D 212 15.56 -19.53 21.62
N SER D 213 14.92 -19.24 22.75
CA SER D 213 14.92 -20.14 23.94
C SER D 213 13.91 -21.28 23.77
N LEU D 214 13.11 -21.27 22.70
CA LEU D 214 12.03 -22.28 22.49
C LEU D 214 12.48 -23.23 21.39
N SER D 215 11.82 -24.40 21.30
CA SER D 215 11.93 -25.30 20.14
C SER D 215 11.35 -24.60 18.91
N ARG D 216 11.63 -25.11 17.72
CA ARG D 216 11.11 -24.56 16.45
C ARG D 216 9.57 -24.49 16.55
N ASP D 217 8.92 -25.59 16.93
CA ASP D 217 7.44 -25.68 16.91
C ASP D 217 6.85 -24.77 17.97
N GLU D 218 7.49 -24.65 19.14
CA GLU D 218 7.03 -23.74 20.22
C GLU D 218 7.18 -22.28 19.77
N ALA D 219 8.25 -21.94 19.04
CA ALA D 219 8.49 -20.55 18.58
C ALA D 219 7.40 -20.14 17.57
N VAL D 220 6.96 -21.07 16.73
CA VAL D 220 5.86 -20.81 15.76
C VAL D 220 4.58 -20.49 16.57
N VAL D 221 4.26 -21.25 17.61
CA VAL D 221 3.01 -21.02 18.39
C VAL D 221 3.15 -19.66 19.05
N ARG D 222 4.30 -19.40 19.70
CA ARG D 222 4.54 -18.14 20.44
C ARG D 222 4.42 -16.95 19.49
N LEU D 223 5.11 -16.99 18.36
CA LEU D 223 5.07 -15.84 17.40
C LEU D 223 3.64 -15.67 16.86
N ALA D 224 2.87 -16.76 16.69
CA ALA D 224 1.47 -16.68 16.22
C ALA D 224 0.65 -15.94 17.26
N GLU D 225 0.92 -16.16 18.55
CA GLU D 225 0.19 -15.48 19.63
C GLU D 225 0.57 -14.00 19.67
N LEU D 226 1.87 -13.70 19.61
CA LEU D 226 2.37 -12.30 19.63
C LEU D 226 1.78 -11.51 18.45
N ASN D 227 1.66 -12.17 17.30
CA ASN D 227 1.07 -11.57 16.07
C ASN D 227 -0.41 -11.20 16.30
N VAL D 228 -1.19 -12.07 16.91
CA VAL D 228 -2.61 -11.77 17.24
C VAL D 228 -2.64 -10.58 18.19
N LYS D 229 -1.82 -10.58 19.22
CA LYS D 229 -1.84 -9.49 20.22
C LYS D 229 -1.42 -8.17 19.54
N GLU D 230 -0.42 -8.24 18.66
CA GLU D 230 0.04 -7.02 17.95
C GLU D 230 -1.08 -6.54 17.01
N GLY D 231 -1.79 -7.48 16.39
CA GLY D 231 -2.93 -7.17 15.53
C GLY D 231 -4.00 -6.43 16.31
N LEU D 232 -4.29 -6.86 17.53
CA LEU D 232 -5.34 -6.20 18.36
C LEU D 232 -4.93 -4.76 18.69
N LYS D 233 -3.64 -4.54 18.91
CA LYS D 233 -3.08 -3.18 19.11
C LYS D 233 -3.27 -2.35 17.82
N ALA D 234 -2.87 -2.86 16.66
CA ALA D 234 -3.07 -2.12 15.39
C ALA D 234 -4.56 -1.80 15.19
N LEU D 235 -5.45 -2.75 15.51
CA LEU D 235 -6.90 -2.61 15.32
C LEU D 235 -7.42 -1.45 16.19
N THR D 236 -6.97 -1.38 17.45
CA THR D 236 -7.47 -0.38 18.40
C THR D 236 -6.77 0.96 18.20
N GLN D 237 -5.78 1.04 17.31
CA GLN D 237 -5.16 2.35 16.94
C GLN D 237 -6.05 3.02 15.89
N LYS D 238 -7.17 2.45 15.51
CA LYS D 238 -8.00 3.06 14.45
C LYS D 238 -9.13 3.81 15.14
N SER D 239 -9.33 5.08 14.78
CA SER D 239 -10.37 5.95 15.40
C SER D 239 -11.74 5.25 15.32
N VAL D 240 -12.06 4.62 14.19
CA VAL D 240 -13.39 3.98 14.00
C VAL D 240 -13.64 2.92 15.07
N VAL D 241 -12.59 2.20 15.46
CA VAL D 241 -12.67 1.12 16.48
C VAL D 241 -12.77 1.79 17.86
N LEU D 242 -11.92 2.77 18.15
CA LEU D 242 -11.93 3.46 19.47
C LEU D 242 -13.29 4.12 19.68
N GLU D 243 -13.85 4.74 18.64
CA GLU D 243 -15.18 5.39 18.67
C GLU D 243 -16.23 4.35 19.05
N ALA D 244 -16.25 3.20 18.37
CA ALA D 244 -17.26 2.15 18.56
C ALA D 244 -17.12 1.57 19.97
N MET D 245 -15.89 1.39 20.46
CA MET D 245 -15.67 0.86 21.82
C MET D 245 -16.29 1.82 22.85
N GLN D 246 -16.06 3.12 22.72
CA GLN D 246 -16.54 4.18 23.63
C GLN D 246 -18.06 4.37 23.48
N GLU D 247 -18.59 4.44 22.26
CA GLU D 247 -19.97 4.85 21.98
C GLU D 247 -20.92 3.66 22.19
N ARG D 248 -20.54 2.41 21.85
CA ARG D 248 -21.52 1.30 21.80
C ARG D 248 -20.91 -0.03 22.30
N GLY D 249 -19.80 0.00 23.01
CA GLY D 249 -19.19 -1.17 23.67
C GLY D 249 -18.77 -2.24 22.67
N LEU D 250 -18.35 -1.87 21.46
CA LEU D 250 -17.69 -2.84 20.54
C LEU D 250 -16.64 -3.58 21.35
N GLN D 251 -16.57 -4.90 21.17
CA GLN D 251 -15.51 -5.73 21.80
C GLN D 251 -14.56 -6.27 20.73
N VAL D 252 -13.31 -6.45 21.12
CA VAL D 252 -12.25 -7.02 20.24
C VAL D 252 -11.69 -8.25 20.93
N HIS D 253 -11.35 -9.29 20.17
CA HIS D 253 -10.97 -10.59 20.75
C HIS D 253 -9.83 -11.19 19.93
N GLY D 254 -8.87 -11.80 20.60
CA GLY D 254 -7.78 -12.56 19.98
C GLY D 254 -7.98 -14.05 20.18
N LEU D 255 -7.93 -14.83 19.10
CA LEU D 255 -8.10 -16.29 19.15
C LEU D 255 -6.89 -16.97 18.49
N ILE D 256 -6.62 -18.19 18.92
CA ILE D 256 -5.76 -19.14 18.16
C ILE D 256 -6.64 -20.36 17.83
N TYR D 257 -6.71 -20.70 16.54
CA TYR D 257 -7.35 -21.92 16.02
C TYR D 257 -6.32 -23.05 15.98
N ASP D 258 -6.63 -24.17 16.62
CA ASP D 258 -5.82 -25.41 16.55
C ASP D 258 -6.31 -26.23 15.36
N VAL D 259 -5.55 -26.26 14.28
CA VAL D 259 -5.97 -26.92 13.01
C VAL D 259 -6.12 -28.42 13.22
N GLY D 260 -5.50 -28.98 14.26
CA GLY D 260 -5.52 -30.43 14.51
C GLY D 260 -6.69 -30.88 15.34
N SER D 261 -7.23 -30.03 16.21
CA SER D 261 -8.32 -30.37 17.17
C SER D 261 -9.64 -29.70 16.76
N GLY D 262 -9.56 -28.58 16.06
CA GLY D 262 -10.75 -27.80 15.67
C GLY D 262 -11.16 -26.81 16.75
N PHE D 263 -10.44 -26.74 17.86
CA PHE D 263 -10.79 -25.77 18.95
C PHE D 263 -10.16 -24.39 18.70
N LEU D 264 -10.98 -23.35 18.86
CA LEU D 264 -10.55 -21.95 19.11
C LEU D 264 -10.26 -21.77 20.60
N ARG D 265 -9.13 -21.14 20.95
CA ARG D 265 -8.88 -20.70 22.34
C ARG D 265 -8.65 -19.19 22.35
N GLN D 266 -9.13 -18.56 23.41
CA GLN D 266 -9.00 -17.12 23.63
C GLN D 266 -7.62 -16.83 24.19
N LEU D 267 -6.96 -15.79 23.68
CA LEU D 267 -5.73 -15.26 24.29
C LEU D 267 -6.16 -14.26 25.36
N ASP D 268 -5.47 -14.30 26.51
CA ASP D 268 -5.68 -13.43 27.70
C ASP D 268 -5.58 -11.94 27.31
N ALA D 269 -4.65 -11.60 26.41
CA ALA D 269 -4.54 -10.30 25.68
C ALA D 269 -4.77 -9.09 26.61
N ALA D 270 -4.34 -9.18 27.88
CA ALA D 270 -4.43 -8.07 28.85
C ALA D 270 -3.49 -6.94 28.40
N GLU D 271 -3.95 -5.69 28.49
CA GLU D 271 -3.12 -4.48 28.37
C GLU D 271 -3.45 -3.59 29.58
N PRO D 272 -2.42 -3.03 30.28
CA PRO D 272 -2.69 -1.99 31.29
C PRO D 272 -3.74 -0.97 30.83
N GLU D 273 -4.52 -0.42 31.77
CA GLU D 273 -5.54 0.63 31.47
C GLU D 273 -4.84 1.81 30.78
N GLU D 274 -3.66 2.18 31.29
CA GLU D 274 -2.84 3.34 30.85
C GLU D 274 -2.50 3.21 29.34
N ALA D 275 -2.45 1.96 28.83
CA ALA D 275 -2.19 1.64 27.40
C ALA D 275 -3.32 2.19 26.54
N LEU D 276 -4.59 1.87 26.86
CA LEU D 276 -5.75 2.27 26.04
C LEU D 276 -6.03 3.78 26.17
N LYS D 277 -5.67 4.39 27.30
CA LYS D 277 -5.83 5.85 27.53
C LYS D 277 -4.89 6.62 26.57
N ALA D 278 -3.62 6.22 26.51
CA ALA D 278 -2.60 6.81 25.61
C ALA D 278 -3.06 6.62 24.15
N ARG D 279 -3.65 5.46 23.83
CA ARG D 279 -4.11 5.15 22.45
C ARG D 279 -5.26 6.10 22.08
N LEU D 280 -6.24 6.25 22.98
CA LEU D 280 -7.38 7.16 22.77
C LEU D 280 -6.83 8.58 22.50
N THR D 281 -5.94 9.06 23.36
CA THR D 281 -5.34 10.42 23.25
C THR D 281 -4.67 10.56 21.88
N SER D 282 -3.95 9.53 21.44
CA SER D 282 -3.03 9.62 20.28
C SER D 282 -3.79 9.40 18.97
N PHE D 283 -4.91 8.67 18.97
CA PHE D 283 -5.54 8.18 17.73
C PHE D 283 -7.01 8.61 17.56
N LYS D 284 -7.76 8.85 18.63
CA LYS D 284 -9.21 9.14 18.46
C LYS D 284 -9.38 10.51 17.81
N THR D 285 -10.13 10.58 16.70
CA THR D 285 -10.43 11.80 15.91
C THR D 285 -11.41 12.67 16.71
N ASP D 286 -11.12 13.97 16.85
CA ASP D 286 -12.05 14.97 17.44
C ASP D 286 -13.41 14.88 16.72
N ALA D 287 -14.49 15.07 17.46
CA ALA D 287 -15.82 15.44 16.92
C ALA D 287 -15.69 16.76 16.15
#